data_6MI6
#
_entry.id   6MI6
#
_cell.length_a   83.703
_cell.length_b   75.145
_cell.length_c   86.580
_cell.angle_alpha   90.00
_cell.angle_beta   90.01
_cell.angle_gamma   90.00
#
_symmetry.space_group_name_H-M   'P 1 21 1'
#
loop_
_entity.id
_entity.type
_entity.pdbx_description
1 polymer 'Chemotaxis protein CheA'
2 non-polymer 'SULFATE ION'
3 non-polymer "5'-O-[(S)-hydroxy{[(S)-hydroxy{[(1-hydroxy-2,2,5,5-tetramethyl-2,5-dihydro-1H-pyrrol-3-yl)methyl]disulfanyl}phosphoryl]oxy}phosphoryl]adenosine"
4 non-polymer "ADENOSINE-5'-DIPHOSPHATE"
#
_entity_poly.entity_id   1
_entity_poly.type   'polypeptide(L)'
_entity_poly.pdbx_seq_one_letter_code
;IRMVPISFVFNRFPRMVRDLAKKMNKEVNFIMRGEDTELDRTFVEEIGEPLLHLLRNAIDHGIEPKEERIAKGKPPIGTL
ILSARHEGNNVVIEVEDDGRGIDKEKIIRKAIEKGLIDESKAATLSDQEILNFLFVPGFSTKEKVSEVSGRGVGMDVVKN
VVESLNGSISIESEKDKGTKVTIRLPL
;
_entity_poly.pdbx_strand_id   A,B,C,D
#
loop_
_chem_comp.id
_chem_comp.type
_chem_comp.name
_chem_comp.formula
ADP non-polymer ADENOSINE-5'-DIPHOSPHATE 'C10 H15 N5 O10 P2'
JSJ non-polymer 5'-O-[(S)-hydroxy{[(S)-hydroxy{[(1-hydroxy-2,2,5,5-tetramethyl-2,5-dihydro-1H-pyrrol-3-yl)methyl]disulfanyl}phosphoryl]oxy}phosphoryl]adenosine 'C19 H30 N6 O10 P2 S2'
SO4 non-polymer 'SULFATE ION' 'O4 S -2'
#
# COMPACT_ATOMS: atom_id res chain seq x y z
N ILE A 1 21.84 -32.85 28.93
CA ILE A 1 21.67 -31.41 28.83
C ILE A 1 20.94 -30.83 30.04
N ARG A 2 21.67 -29.98 30.73
CA ARG A 2 21.30 -29.73 32.11
C ARG A 2 21.33 -28.21 32.31
N MET A 3 20.36 -27.67 33.04
CA MET A 3 20.17 -26.23 33.02
C MET A 3 20.52 -25.63 34.38
N VAL A 4 21.19 -24.49 34.38
CA VAL A 4 21.71 -23.87 35.61
C VAL A 4 21.33 -22.40 35.52
N PRO A 5 21.13 -21.67 36.62
CA PRO A 5 20.59 -20.30 36.50
C PRO A 5 21.50 -19.34 35.77
N ILE A 6 20.89 -18.32 35.16
CA ILE A 6 21.66 -17.33 34.42
C ILE A 6 22.44 -16.50 35.42
N SER A 7 22.24 -16.77 36.70
CA SER A 7 23.05 -16.15 37.73
C SER A 7 24.52 -16.48 37.52
N PHE A 8 24.80 -17.69 37.05
CA PHE A 8 26.17 -18.15 36.95
C PHE A 8 26.99 -17.17 36.16
N VAL A 9 26.49 -16.73 35.00
CA VAL A 9 27.21 -15.76 34.20
C VAL A 9 27.06 -14.35 34.74
N PHE A 10 25.82 -13.91 34.99
CA PHE A 10 25.62 -12.50 35.29
C PHE A 10 26.42 -12.06 36.49
N ASN A 11 26.56 -12.93 37.47
CA ASN A 11 27.17 -12.50 38.71
C ASN A 11 28.60 -12.06 38.52
N ARG A 12 29.26 -12.47 37.43
CA ARG A 12 30.64 -12.08 37.24
C ARG A 12 30.78 -10.61 36.87
N PHE A 13 29.83 -10.06 36.14
CA PHE A 13 29.97 -8.73 35.54
C PHE A 13 30.08 -7.55 36.49
N PRO A 14 29.41 -7.52 37.65
CA PRO A 14 29.43 -6.29 38.47
C PRO A 14 30.81 -5.82 38.78
N ARG A 15 31.65 -6.75 39.19
CA ARG A 15 33.02 -6.39 39.44
C ARG A 15 33.63 -5.75 38.22
N MET A 16 33.37 -6.31 37.05
CA MET A 16 33.89 -5.71 35.83
C MET A 16 33.29 -4.33 35.61
N VAL A 17 31.99 -4.22 35.70
CA VAL A 17 31.40 -2.93 35.41
C VAL A 17 32.00 -1.89 36.31
N ARG A 18 32.11 -2.22 37.59
CA ARG A 18 32.78 -1.28 38.46
C ARG A 18 34.18 -1.03 37.97
N ASP A 19 34.93 -2.08 37.64
CA ASP A 19 36.27 -1.89 37.12
C ASP A 19 36.24 -0.95 35.92
N LEU A 20 35.49 -1.32 34.90
CA LEU A 20 35.50 -0.55 33.67
C LEU A 20 34.98 0.85 33.89
N ALA A 21 34.00 1.01 34.77
CA ALA A 21 33.47 2.34 35.04
C ALA A 21 34.55 3.27 35.57
N LYS A 22 35.35 2.78 36.48
CA LYS A 22 36.37 3.60 37.10
C LYS A 22 37.46 4.03 36.13
N LYS A 23 37.79 3.21 35.13
CA LYS A 23 38.88 3.57 34.23
C LYS A 23 38.63 4.89 33.50
N MET A 24 37.38 5.17 33.09
CA MET A 24 37.07 6.42 32.36
C MET A 24 36.25 7.42 33.21
N ASN A 25 36.57 7.51 34.51
CA ASN A 25 36.10 8.59 35.40
C ASN A 25 34.60 8.73 35.39
N LYS A 26 33.86 7.67 35.13
CA LYS A 26 32.42 7.77 35.01
C LYS A 26 31.78 6.92 36.09
N GLU A 27 30.79 7.51 36.78
CA GLU A 27 30.02 6.83 37.81
C GLU A 27 28.82 6.23 37.12
N VAL A 28 28.54 4.98 37.45
CA VAL A 28 27.47 4.22 36.83
C VAL A 28 26.67 3.49 37.87
N ASN A 29 25.42 3.21 37.53
CA ASN A 29 24.52 2.44 38.35
C ASN A 29 24.21 1.15 37.61
N PHE A 30 24.54 0.02 38.19
CA PHE A 30 24.40 -1.25 37.53
C PHE A 30 23.30 -2.06 38.17
N ILE A 31 22.32 -2.45 37.39
CA ILE A 31 21.20 -3.24 37.86
C ILE A 31 21.16 -4.52 37.06
N MET A 32 21.06 -5.64 37.75
CA MET A 32 20.93 -6.93 37.12
C MET A 32 19.60 -7.49 37.54
N ARG A 33 18.81 -7.89 36.57
CA ARG A 33 17.49 -8.39 36.86
C ARG A 33 17.32 -9.75 36.21
N GLY A 34 16.46 -10.56 36.83
CA GLY A 34 16.17 -11.87 36.30
C GLY A 34 17.24 -12.91 36.43
N GLU A 35 18.08 -12.83 37.45
CA GLU A 35 19.13 -13.83 37.56
C GLU A 35 18.61 -15.26 37.66
N ASP A 36 17.37 -15.45 38.11
CA ASP A 36 16.94 -16.81 38.34
C ASP A 36 16.61 -17.59 37.07
N THR A 37 16.38 -16.92 35.94
CA THR A 37 15.98 -17.65 34.75
C THR A 37 17.12 -18.57 34.32
N GLU A 38 16.77 -19.70 33.72
CA GLU A 38 17.76 -20.74 33.48
C GLU A 38 17.93 -21.07 32.00
N LEU A 39 19.18 -21.36 31.61
CA LEU A 39 19.64 -21.75 30.28
C LEU A 39 20.57 -22.96 30.40
N ASP A 40 20.83 -23.65 29.28
CA ASP A 40 21.74 -24.78 29.35
C ASP A 40 23.15 -24.32 29.61
N ARG A 41 23.90 -25.18 30.30
CA ARG A 41 25.26 -24.84 30.71
C ARG A 41 26.04 -24.27 29.55
N THR A 42 25.83 -24.81 28.35
CA THR A 42 26.41 -24.23 27.14
C THR A 42 25.93 -22.81 26.91
N PHE A 43 24.62 -22.61 26.84
CA PHE A 43 24.16 -21.29 26.39
C PHE A 43 24.67 -20.22 27.31
N VAL A 44 24.66 -20.49 28.61
CA VAL A 44 25.17 -19.52 29.58
C VAL A 44 26.65 -19.22 29.35
N GLU A 45 27.48 -20.26 29.26
CA GLU A 45 28.93 -20.01 29.21
C GLU A 45 29.32 -19.19 27.99
N GLU A 46 28.61 -19.34 26.88
CA GLU A 46 29.04 -18.65 25.68
C GLU A 46 28.83 -17.15 25.81
N ILE A 47 27.65 -16.75 26.27
CA ILE A 47 27.21 -15.37 26.16
C ILE A 47 27.99 -14.40 27.01
N GLY A 48 28.80 -14.88 27.94
CA GLY A 48 29.42 -13.96 28.86
C GLY A 48 30.24 -12.94 28.10
N GLU A 49 31.20 -13.42 27.32
CA GLU A 49 32.01 -12.49 26.54
C GLU A 49 31.14 -11.65 25.62
N PRO A 50 30.16 -12.20 24.91
CA PRO A 50 29.28 -11.31 24.16
C PRO A 50 28.64 -10.27 25.03
N LEU A 51 28.01 -10.71 26.11
CA LEU A 51 27.40 -9.73 26.99
C LEU A 51 28.44 -8.75 27.46
N LEU A 52 29.64 -9.23 27.73
CA LEU A 52 30.62 -8.33 28.28
C LEU A 52 30.87 -7.21 27.31
N HIS A 53 30.83 -7.48 26.02
CA HIS A 53 31.09 -6.40 25.09
C HIS A 53 30.03 -5.33 25.24
N LEU A 54 28.77 -5.74 25.12
CA LEU A 54 27.66 -4.81 25.15
C LEU A 54 27.66 -3.94 26.40
N LEU A 55 28.03 -4.50 27.55
CA LEU A 55 28.15 -3.68 28.76
C LEU A 55 29.19 -2.60 28.58
N ARG A 56 30.36 -2.98 28.08
CA ARG A 56 31.48 -2.08 28.06
C ARG A 56 31.14 -0.81 27.31
N ASN A 57 30.58 -0.95 26.11
CA ASN A 57 30.32 0.25 25.32
C ASN A 57 29.45 1.22 26.12
N ALA A 58 28.43 0.73 26.79
CA ALA A 58 27.57 1.62 27.55
C ALA A 58 28.38 2.42 28.55
N ILE A 59 29.16 1.74 29.38
CA ILE A 59 30.05 2.48 30.25
C ILE A 59 31.01 3.30 29.42
N ASP A 60 31.67 2.65 28.46
CA ASP A 60 32.73 3.31 27.73
C ASP A 60 32.16 4.44 26.92
N HIS A 61 31.20 4.13 26.06
CA HIS A 61 30.62 5.09 25.15
C HIS A 61 29.20 5.49 25.46
N GLY A 62 28.41 4.62 26.08
CA GLY A 62 27.02 4.97 26.30
C GLY A 62 26.80 6.06 27.34
N ILE A 63 27.35 5.89 28.54
CA ILE A 63 27.07 6.79 29.66
C ILE A 63 27.94 8.05 29.61
N GLU A 64 27.30 9.22 29.64
CA GLU A 64 27.99 10.50 29.55
C GLU A 64 28.74 10.89 30.82
N PRO A 65 29.69 11.81 30.69
CA PRO A 65 30.32 12.40 31.88
C PRO A 65 29.36 13.32 32.61
N LYS A 66 29.65 13.51 33.90
CA LYS A 66 28.71 14.23 34.75
C LYS A 66 28.42 15.65 34.24
N GLU A 67 29.44 16.45 33.90
CA GLU A 67 29.18 17.85 33.52
C GLU A 67 28.30 17.97 32.29
N GLU A 68 28.64 17.20 31.25
CA GLU A 68 27.85 17.27 30.04
C GLU A 68 26.52 16.57 30.25
N ARG A 69 26.53 15.42 30.93
CA ARG A 69 25.31 14.68 31.22
C ARG A 69 24.38 15.46 32.16
N ILE A 70 24.94 16.10 33.19
CA ILE A 70 24.10 16.84 34.12
C ILE A 70 23.28 17.91 33.40
N ALA A 71 23.82 18.50 32.34
CA ALA A 71 23.19 19.59 31.62
C ALA A 71 21.81 19.25 31.03
N LYS A 72 21.61 18.02 30.57
CA LYS A 72 20.39 17.72 29.84
C LYS A 72 19.20 17.46 30.75
N GLY A 73 19.37 17.54 32.05
CA GLY A 73 18.29 17.22 32.95
C GLY A 73 18.20 15.76 33.27
N LYS A 74 19.10 15.01 32.81
CA LYS A 74 19.06 13.63 33.26
C LYS A 74 19.87 13.54 34.54
N PRO A 75 19.52 12.62 35.42
CA PRO A 75 20.23 12.47 36.66
C PRO A 75 21.72 12.33 36.39
N PRO A 76 22.57 12.75 37.32
CA PRO A 76 24.01 12.71 37.07
C PRO A 76 24.58 11.31 36.95
N ILE A 77 23.98 10.34 37.63
CA ILE A 77 24.51 8.98 37.70
C ILE A 77 23.81 8.09 36.67
N GLY A 78 24.55 7.64 35.67
CA GLY A 78 23.98 6.80 34.64
C GLY A 78 23.60 5.44 35.17
N THR A 79 22.65 4.81 34.49
CA THR A 79 22.11 3.53 34.93
C THR A 79 22.35 2.48 33.86
N LEU A 80 22.84 1.32 34.28
CA LEU A 80 23.10 0.23 33.36
C LEU A 80 22.39 -1.01 33.84
N ILE A 81 21.59 -1.62 32.99
CA ILE A 81 20.75 -2.76 33.38
C ILE A 81 21.05 -3.96 32.51
N LEU A 82 21.33 -5.07 33.15
CA LEU A 82 21.44 -6.36 32.48
C LEU A 82 20.32 -7.24 33.01
N SER A 83 19.43 -7.69 32.14
CA SER A 83 18.26 -8.46 32.56
C SER A 83 18.01 -9.69 31.68
N ALA A 84 17.51 -10.76 32.28
CA ALA A 84 17.08 -11.97 31.58
C ALA A 84 15.68 -12.39 32.01
N ARG A 85 14.75 -12.47 31.09
CA ARG A 85 13.40 -12.91 31.39
C ARG A 85 13.08 -14.10 30.50
N HIS A 86 12.39 -15.09 31.08
CA HIS A 86 12.05 -16.36 30.40
C HIS A 86 10.66 -16.21 29.82
N GLU A 87 10.58 -15.67 28.60
CA GLU A 87 9.32 -15.46 27.93
C GLU A 87 9.08 -16.50 26.86
N GLY A 88 7.97 -17.23 27.00
CA GLY A 88 7.55 -18.14 25.97
C GLY A 88 8.50 -19.29 25.84
N ASN A 89 8.93 -19.54 24.61
CA ASN A 89 9.88 -20.59 24.32
C ASN A 89 11.22 -20.02 23.96
N ASN A 90 11.43 -18.74 24.25
CA ASN A 90 12.67 -18.08 23.94
C ASN A 90 13.19 -17.38 25.18
N VAL A 91 14.51 -17.35 25.33
CA VAL A 91 15.18 -16.71 26.46
C VAL A 91 15.83 -15.43 25.94
N VAL A 92 15.43 -14.31 26.50
CA VAL A 92 15.84 -13.00 26.01
C VAL A 92 16.61 -12.26 27.07
N ILE A 93 17.76 -11.75 26.71
CA ILE A 93 18.63 -10.99 27.57
C ILE A 93 18.65 -9.57 27.04
N GLU A 94 18.66 -8.61 27.90
CA GLU A 94 18.73 -7.25 27.40
C GLU A 94 19.73 -6.50 28.25
N VAL A 95 20.41 -5.56 27.63
CA VAL A 95 21.29 -4.63 28.30
C VAL A 95 20.86 -3.23 27.87
N GLU A 96 20.52 -2.39 28.81
CA GLU A 96 20.13 -1.04 28.46
C GLU A 96 20.83 -0.04 29.36
N ASP A 97 21.03 1.17 28.82
CA ASP A 97 21.74 2.26 29.46
C ASP A 97 20.99 3.55 29.17
N ASP A 98 21.13 4.54 30.04
CA ASP A 98 20.57 5.86 29.78
C ASP A 98 21.67 6.77 29.27
N GLY A 99 22.04 6.61 28.01
CA GLY A 99 23.27 7.15 27.51
C GLY A 99 23.10 8.17 26.41
N ARG A 100 24.22 8.48 25.76
CA ARG A 100 24.19 9.47 24.69
C ARG A 100 23.28 9.02 23.58
N GLY A 101 23.36 7.74 23.24
CA GLY A 101 22.54 7.16 22.21
C GLY A 101 23.30 7.17 20.91
N ILE A 102 23.14 6.11 20.12
CA ILE A 102 23.84 6.04 18.86
C ILE A 102 23.14 6.98 17.89
N ASP A 103 23.90 7.84 17.22
CA ASP A 103 23.31 8.75 16.23
C ASP A 103 23.08 7.98 14.96
N LYS A 104 21.81 7.78 14.61
CA LYS A 104 21.48 6.91 13.50
C LYS A 104 21.96 7.49 12.18
N GLU A 105 21.99 8.81 12.05
CA GLU A 105 22.37 9.31 10.75
C GLU A 105 23.89 9.19 10.54
N LYS A 106 24.67 9.08 11.63
CA LYS A 106 26.10 8.79 11.46
C LYS A 106 26.33 7.45 10.80
N ILE A 107 25.55 6.43 11.18
CA ILE A 107 25.63 5.12 10.53
C ILE A 107 25.18 5.21 9.07
N ILE A 108 24.16 6.03 8.80
CA ILE A 108 23.71 6.18 7.44
C ILE A 108 24.78 6.87 6.60
N ARG A 109 25.50 7.83 7.17
CA ARG A 109 26.57 8.49 6.42
C ARG A 109 27.79 7.62 6.24
N LYS A 110 27.88 6.54 7.00
CA LYS A 110 29.02 5.65 6.82
C LYS A 110 28.69 4.61 5.78
N ALA A 111 27.45 4.14 5.73
CA ALA A 111 27.08 3.18 4.70
C ALA A 111 27.18 3.77 3.30
N ILE A 112 26.86 5.05 3.15
CA ILE A 112 26.96 5.66 1.82
C ILE A 112 28.41 5.79 1.38
N GLU A 113 29.26 6.34 2.26
CA GLU A 113 30.67 6.53 1.94
C GLU A 113 31.35 5.22 1.55
N LYS A 114 31.11 4.17 2.33
CA LYS A 114 31.80 2.90 2.08
C LYS A 114 31.09 2.05 1.02
N GLY A 115 29.92 2.47 0.55
CA GLY A 115 29.25 1.74 -0.52
C GLY A 115 28.47 0.53 -0.08
N LEU A 116 28.12 0.44 1.20
CA LEU A 116 27.27 -0.66 1.61
C LEU A 116 25.90 -0.50 0.98
N ILE A 117 25.44 0.74 0.89
CA ILE A 117 24.19 1.09 0.24
C ILE A 117 24.34 2.50 -0.33
N ASP A 118 23.65 2.75 -1.44
CA ASP A 118 23.64 4.09 -2.04
C ASP A 118 22.55 4.93 -1.41
N GLU A 119 22.76 6.24 -1.48
CA GLU A 119 21.98 7.21 -0.73
C GLU A 119 20.49 7.26 -1.08
N SER A 120 20.11 7.06 -2.34
CA SER A 120 18.70 7.30 -2.65
C SER A 120 17.79 6.27 -2.01
N LYS A 121 18.29 5.06 -1.74
CA LYS A 121 17.52 4.04 -1.05
C LYS A 121 17.73 4.09 0.46
N ALA A 122 18.44 5.11 0.95
CA ALA A 122 18.55 5.25 2.39
C ALA A 122 17.18 5.27 3.01
N ALA A 123 16.20 5.84 2.32
CA ALA A 123 14.84 5.85 2.84
C ALA A 123 14.27 4.45 2.99
N THR A 124 14.81 3.46 2.27
CA THR A 124 14.28 2.11 2.38
C THR A 124 14.54 1.48 3.74
N LEU A 125 15.75 1.64 4.26
CA LEU A 125 16.12 0.94 5.47
C LEU A 125 15.31 1.47 6.65
N SER A 126 14.99 0.59 7.58
CA SER A 126 14.24 0.94 8.77
C SER A 126 15.22 1.22 9.91
N ASP A 127 14.77 1.96 10.92
CA ASP A 127 15.68 2.25 12.03
C ASP A 127 16.31 0.98 12.53
N GLN A 128 15.51 -0.07 12.65
CA GLN A 128 16.02 -1.36 13.06
C GLN A 128 17.16 -1.80 12.15
N GLU A 129 17.04 -1.53 10.83
CA GLU A 129 18.07 -1.90 9.87
C GLU A 129 19.32 -1.02 9.99
N ILE A 130 19.15 0.26 10.32
CA ILE A 130 20.29 1.16 10.37
C ILE A 130 21.35 0.64 11.34
N LEU A 131 20.93 0.18 12.51
CA LEU A 131 21.87 -0.24 13.55
C LEU A 131 22.48 -1.58 13.20
N ASN A 132 21.79 -2.37 12.39
CA ASN A 132 22.38 -3.59 11.90
C ASN A 132 23.68 -3.28 11.17
N PHE A 133 23.88 -2.01 10.76
CA PHE A 133 25.14 -1.63 10.16
C PHE A 133 26.22 -1.62 11.17
N LEU A 134 25.87 -1.71 12.41
CA LEU A 134 26.91 -1.93 13.38
C LEU A 134 27.47 -3.32 13.25
N PHE A 135 26.81 -4.18 12.51
CA PHE A 135 27.30 -5.55 12.40
C PHE A 135 28.16 -5.81 11.20
N VAL A 136 28.38 -4.83 10.33
CA VAL A 136 29.32 -5.24 9.30
C VAL A 136 30.70 -5.21 9.89
N PRO A 137 31.56 -6.12 9.52
CA PRO A 137 32.94 -6.04 9.96
C PRO A 137 33.58 -4.70 9.61
N GLY A 138 34.45 -4.23 10.48
CA GLY A 138 35.24 -3.07 10.16
C GLY A 138 34.47 -1.79 9.92
N PHE A 139 33.23 -1.73 10.40
CA PHE A 139 32.47 -0.48 10.38
C PHE A 139 33.15 0.56 11.25
N SER A 140 33.72 0.14 12.35
CA SER A 140 34.52 1.01 13.22
C SER A 140 35.61 1.77 12.43
N VAL A 145 45.35 2.23 10.26
CA VAL A 145 46.33 1.55 9.43
C VAL A 145 47.68 1.71 10.09
N SER A 146 48.19 2.94 10.20
CA SER A 146 49.47 3.18 10.86
C SER A 146 49.56 2.43 12.17
N GLU A 147 48.50 2.49 12.94
CA GLU A 147 48.41 1.83 14.22
C GLU A 147 47.25 0.86 14.16
N VAL A 148 47.46 -0.32 14.72
CA VAL A 148 46.42 -1.32 14.87
C VAL A 148 46.61 -1.99 16.22
N SER A 149 45.58 -1.98 17.04
CA SER A 149 45.61 -2.77 18.25
C SER A 149 45.48 -4.23 17.87
N GLY A 150 46.56 -4.99 18.06
CA GLY A 150 46.54 -6.39 17.70
C GLY A 150 45.38 -7.08 18.33
N ARG A 151 44.87 -6.51 19.42
CA ARG A 151 43.73 -7.02 20.15
C ARG A 151 42.53 -6.13 19.84
N GLY A 152 41.43 -6.74 19.34
CA GLY A 152 40.18 -6.05 19.01
C GLY A 152 38.83 -6.71 19.29
N VAL A 153 38.02 -6.11 20.16
CA VAL A 153 36.67 -6.59 20.44
C VAL A 153 35.70 -5.98 19.41
N GLY A 154 35.17 -6.80 18.51
CA GLY A 154 34.27 -6.32 17.46
C GLY A 154 32.83 -6.55 17.87
N MET A 155 31.91 -5.76 17.33
CA MET A 155 30.49 -6.03 17.55
C MET A 155 30.04 -7.32 16.92
N ASP A 156 30.75 -7.81 15.92
CA ASP A 156 30.05 -8.93 15.31
C ASP A 156 30.21 -10.18 16.06
N VAL A 157 31.36 -10.27 16.68
CA VAL A 157 31.64 -11.44 17.48
C VAL A 157 30.39 -11.77 18.27
N VAL A 158 29.73 -10.74 18.77
CA VAL A 158 28.45 -10.93 19.47
C VAL A 158 27.38 -11.39 18.52
N LYS A 159 27.21 -10.67 17.42
CA LYS A 159 26.21 -11.09 16.45
C LYS A 159 26.37 -12.56 16.14
N ASN A 160 27.60 -13.06 16.21
CA ASN A 160 27.84 -14.43 15.77
C ASN A 160 27.32 -15.40 16.81
N VAL A 161 27.78 -15.26 18.05
CA VAL A 161 27.29 -16.10 19.14
C VAL A 161 25.79 -16.14 19.13
N VAL A 162 25.19 -15.00 18.95
CA VAL A 162 23.75 -14.97 18.91
C VAL A 162 23.30 -15.79 17.70
N GLU A 163 23.89 -15.50 16.54
CA GLU A 163 23.57 -16.23 15.31
C GLU A 163 24.03 -17.66 15.38
N SER A 164 25.07 -17.91 16.17
CA SER A 164 25.54 -19.26 16.37
C SER A 164 24.46 -20.17 16.90
N LEU A 165 23.72 -19.71 17.91
CA LEU A 165 22.77 -20.56 18.61
C LEU A 165 21.35 -20.42 18.11
N ASN A 166 21.14 -20.00 16.87
CA ASN A 166 19.81 -19.69 16.35
C ASN A 166 19.20 -18.49 17.07
N GLY A 167 20.05 -17.52 17.42
CA GLY A 167 19.62 -16.37 18.19
C GLY A 167 19.86 -15.06 17.49
N SER A 168 19.01 -14.07 17.78
CA SER A 168 19.02 -12.76 17.10
C SER A 168 19.31 -11.61 18.06
N ILE A 169 20.46 -10.96 17.89
CA ILE A 169 20.72 -9.70 18.57
C ILE A 169 19.93 -8.59 17.89
N SER A 170 19.65 -7.54 18.64
CA SER A 170 18.96 -6.36 18.13
C SER A 170 19.48 -5.14 18.88
N ILE A 171 19.41 -3.97 18.25
CA ILE A 171 19.77 -2.72 18.88
C ILE A 171 18.66 -1.72 18.65
N GLU A 172 18.19 -1.08 19.71
CA GLU A 172 17.18 -0.05 19.65
C GLU A 172 17.81 1.16 20.30
N SER A 173 17.74 2.31 19.65
CA SER A 173 18.31 3.43 20.36
C SER A 173 17.59 4.70 19.99
N GLU A 174 17.71 5.65 20.91
CA GLU A 174 17.01 6.93 20.84
C GLU A 174 18.04 7.96 21.29
N LYS A 175 18.46 8.86 20.38
CA LYS A 175 19.57 9.75 20.69
C LYS A 175 19.31 10.51 21.97
N ASP A 176 20.29 10.48 22.87
CA ASP A 176 20.31 11.23 24.11
C ASP A 176 19.30 10.71 25.10
N LYS A 177 18.60 9.64 24.76
CA LYS A 177 17.70 8.98 25.69
C LYS A 177 18.20 7.59 26.07
N GLY A 178 19.18 7.04 25.37
CA GLY A 178 19.75 5.75 25.70
C GLY A 178 19.55 4.72 24.59
N THR A 179 20.26 3.60 24.75
CA THR A 179 20.25 2.49 23.81
C THR A 179 20.06 1.19 24.56
N LYS A 180 19.38 0.23 23.93
CA LYS A 180 19.20 -1.08 24.52
C LYS A 180 19.45 -2.15 23.48
N VAL A 181 20.20 -3.17 23.86
CA VAL A 181 20.55 -4.29 23.00
C VAL A 181 19.89 -5.52 23.58
N THR A 182 19.35 -6.37 22.71
CA THR A 182 18.53 -7.51 23.13
C THR A 182 19.01 -8.81 22.47
N ILE A 183 19.03 -9.90 23.22
CA ILE A 183 19.45 -11.20 22.68
C ILE A 183 18.42 -12.27 23.00
N ARG A 184 17.73 -12.75 21.98
CA ARG A 184 16.73 -13.80 22.14
C ARG A 184 17.38 -15.16 21.95
N LEU A 185 17.16 -16.08 22.88
CA LEU A 185 17.79 -17.41 22.81
C LEU A 185 16.75 -18.51 22.94
N PRO A 186 16.90 -19.62 22.21
CA PRO A 186 15.86 -20.66 22.22
C PRO A 186 15.97 -21.59 23.43
N LEU A 187 14.84 -22.20 23.74
CA LEU A 187 14.73 -23.17 24.84
C LEU A 187 15.36 -22.67 26.13
N ILE B 1 8.99 20.37 -8.99
CA ILE B 1 8.37 19.97 -7.72
C ILE B 1 8.42 21.10 -6.73
N ARG B 2 7.32 21.33 -6.03
CA ARG B 2 7.27 22.38 -5.02
C ARG B 2 7.20 21.79 -3.63
N MET B 3 7.85 22.47 -2.70
CA MET B 3 8.02 22.06 -1.31
C MET B 3 7.21 22.96 -0.41
N VAL B 4 6.62 22.36 0.61
CA VAL B 4 5.76 23.09 1.53
C VAL B 4 6.02 22.59 2.95
N PRO B 5 5.78 23.43 3.94
CA PRO B 5 5.93 22.97 5.31
C PRO B 5 4.87 21.94 5.67
N ILE B 6 5.26 21.02 6.54
CA ILE B 6 4.39 19.93 6.98
C ILE B 6 3.31 20.43 7.91
N SER B 7 3.33 21.71 8.27
CA SER B 7 2.33 22.22 9.19
C SER B 7 0.94 22.00 8.64
N PHE B 8 0.76 22.17 7.33
CA PHE B 8 -0.57 22.09 6.77
C PHE B 8 -1.24 20.80 7.15
N VAL B 9 -0.51 19.68 7.10
CA VAL B 9 -1.08 18.43 7.58
C VAL B 9 -1.11 18.40 9.09
N PHE B 10 -0.01 18.77 9.72
CA PHE B 10 0.03 18.63 11.17
C PHE B 10 -1.08 19.43 11.81
N ASN B 11 -1.38 20.58 11.24
CA ASN B 11 -2.30 21.49 11.89
C ASN B 11 -3.70 20.91 12.01
N ARG B 12 -4.05 19.93 11.19
CA ARG B 12 -5.39 19.37 11.23
C ARG B 12 -5.62 18.55 12.49
N PHE B 13 -4.59 17.85 12.95
CA PHE B 13 -4.76 16.81 13.98
C PHE B 13 -5.23 17.30 15.34
N PRO B 14 -4.83 18.47 15.85
CA PRO B 14 -5.15 18.77 17.25
C PRO B 14 -6.61 18.65 17.56
N ARG B 15 -7.47 19.21 16.73
CA ARG B 15 -8.89 19.08 17.00
C ARG B 15 -9.31 17.63 16.98
N MET B 16 -8.80 16.85 16.04
CA MET B 16 -9.18 15.45 16.01
C MET B 16 -8.72 14.73 17.25
N VAL B 17 -7.48 14.96 17.68
CA VAL B 17 -7.01 14.22 18.84
C VAL B 17 -7.90 14.50 20.02
N ARG B 18 -8.22 15.77 20.24
CA ARG B 18 -9.13 16.05 21.33
C ARG B 18 -10.41 15.29 21.14
N ASP B 19 -10.95 15.29 19.92
CA ASP B 19 -12.19 14.56 19.68
C ASP B 19 -12.02 13.13 20.15
N LEU B 20 -11.05 12.43 19.59
CA LEU B 20 -10.86 11.05 19.96
C LEU B 20 -10.51 10.96 21.43
N ALA B 21 -9.76 11.92 21.92
CA ALA B 21 -9.51 11.95 23.35
C ALA B 21 -10.83 12.10 24.09
N LYS B 22 -11.66 13.04 23.64
CA LYS B 22 -12.99 13.23 24.25
C LYS B 22 -13.89 12.04 24.03
N LYS B 23 -13.80 11.42 22.86
CA LYS B 23 -14.68 10.29 22.58
C LYS B 23 -14.45 9.18 23.57
N MET B 24 -13.22 9.01 24.06
CA MET B 24 -12.91 7.91 24.97
C MET B 24 -12.73 8.37 26.40
N ASN B 25 -13.46 9.40 26.83
CA ASN B 25 -13.50 9.80 28.24
C ASN B 25 -12.08 9.91 28.77
N LYS B 26 -11.13 10.18 27.87
CA LYS B 26 -9.72 10.24 28.22
C LYS B 26 -9.16 11.60 27.87
N GLU B 27 -8.42 12.18 28.81
CA GLU B 27 -7.68 13.40 28.57
C GLU B 27 -6.28 12.98 28.14
N VAL B 28 -5.77 13.65 27.13
CA VAL B 28 -4.47 13.34 26.57
C VAL B 28 -3.68 14.63 26.45
N ASN B 29 -2.36 14.50 26.43
CA ASN B 29 -1.42 15.59 26.27
C ASN B 29 -0.79 15.40 24.89
N PHE B 30 -1.12 16.29 23.96
CA PHE B 30 -0.69 16.17 22.56
C PHE B 30 0.29 17.27 22.22
N ILE B 31 1.45 16.86 21.74
CA ILE B 31 2.58 17.73 21.47
C ILE B 31 2.94 17.60 20.01
N MET B 32 3.12 18.72 19.33
CA MET B 32 3.52 18.70 17.95
C MET B 32 4.87 19.35 17.80
N ARG B 33 5.79 18.62 17.23
CA ARG B 33 7.16 19.03 17.07
C ARG B 33 7.53 18.91 15.61
N GLY B 34 8.49 19.72 15.19
CA GLY B 34 9.03 19.67 13.85
C GLY B 34 8.14 20.14 12.73
N GLU B 35 7.17 20.99 13.02
CA GLU B 35 6.33 21.47 11.94
C GLU B 35 7.14 22.24 10.90
N ASP B 36 8.32 22.75 11.25
CA ASP B 36 9.06 23.54 10.26
C ASP B 36 9.63 22.69 9.14
N THR B 37 9.82 21.40 9.36
CA THR B 37 10.36 20.55 8.32
C THR B 37 9.35 20.41 7.20
N GLU B 38 9.84 20.16 6.00
CA GLU B 38 9.00 20.23 4.81
C GLU B 38 8.91 18.90 4.08
N LEU B 39 7.75 18.67 3.46
CA LEU B 39 7.47 17.46 2.70
C LEU B 39 7.00 17.86 1.32
N ASP B 40 7.12 16.95 0.38
CA ASP B 40 6.73 17.29 -0.97
C ASP B 40 5.20 17.32 -1.10
N ARG B 41 4.72 18.14 -2.02
CA ARG B 41 3.29 18.35 -2.26
C ARG B 41 2.53 17.05 -2.47
N THR B 42 3.16 16.11 -3.15
CA THR B 42 2.61 14.75 -3.24
C THR B 42 2.42 14.19 -1.84
N PHE B 43 3.50 14.24 -1.04
CA PHE B 43 3.55 13.52 0.21
C PHE B 43 2.75 14.20 1.30
N VAL B 44 2.74 15.54 1.32
CA VAL B 44 2.14 16.24 2.46
C VAL B 44 0.71 15.77 2.71
N GLU B 45 -0.19 16.00 1.75
CA GLU B 45 -1.61 15.68 1.97
C GLU B 45 -1.77 14.19 2.19
N GLU B 46 -0.85 13.42 1.65
CA GLU B 46 -0.98 11.98 1.63
C GLU B 46 -0.85 11.39 3.02
N ILE B 47 0.14 11.84 3.79
CA ILE B 47 0.48 11.17 5.04
C ILE B 47 -0.57 11.36 6.10
N GLY B 48 -1.56 12.21 5.88
CA GLY B 48 -2.50 12.46 6.95
C GLY B 48 -3.15 11.16 7.35
N GLU B 49 -3.61 10.40 6.37
CA GLU B 49 -4.30 9.16 6.71
C GLU B 49 -3.43 8.32 7.62
N PRO B 50 -2.16 8.01 7.29
CA PRO B 50 -1.38 7.21 8.24
C PRO B 50 -1.28 7.88 9.58
N LEU B 51 -0.84 9.14 9.59
CA LEU B 51 -0.53 9.77 10.86
C LEU B 51 -1.71 9.72 11.78
N LEU B 52 -2.89 10.02 11.29
CA LEU B 52 -4.00 9.95 12.22
C LEU B 52 -4.25 8.52 12.61
N HIS B 53 -4.01 7.58 11.72
CA HIS B 53 -4.25 6.21 12.14
C HIS B 53 -3.47 5.89 13.40
N LEU B 54 -2.17 6.20 13.37
CA LEU B 54 -1.31 5.97 14.52
C LEU B 54 -1.79 6.73 15.75
N LEU B 55 -2.16 7.99 15.57
CA LEU B 55 -2.61 8.80 16.68
C LEU B 55 -3.79 8.12 17.36
N ARG B 56 -4.74 7.66 16.56
CA ARG B 56 -5.94 7.03 17.10
C ARG B 56 -5.53 5.82 17.93
N ASN B 57 -4.65 4.99 17.39
CA ASN B 57 -4.21 3.81 18.12
C ASN B 57 -3.62 4.23 19.44
N ALA B 58 -2.76 5.24 19.42
CA ALA B 58 -2.15 5.71 20.65
C ALA B 58 -3.21 6.11 21.64
N ILE B 59 -4.11 7.00 21.22
CA ILE B 59 -5.20 7.40 22.11
C ILE B 59 -6.03 6.19 22.50
N ASP B 60 -6.49 5.42 21.51
CA ASP B 60 -7.48 4.39 21.80
C ASP B 60 -6.86 3.27 22.62
N HIS B 61 -5.74 2.71 22.16
CA HIS B 61 -5.16 1.51 22.74
C HIS B 61 -3.90 1.74 23.55
N GLY B 62 -3.04 2.66 23.15
CA GLY B 62 -1.79 2.85 23.88
C GLY B 62 -1.99 3.48 25.24
N ILE B 63 -2.74 4.57 25.29
CA ILE B 63 -2.87 5.32 26.55
C ILE B 63 -3.90 4.59 27.40
N GLU B 64 -3.48 4.13 28.57
CA GLU B 64 -4.41 3.47 29.47
C GLU B 64 -5.31 4.51 30.11
N PRO B 65 -6.41 4.09 30.73
CA PRO B 65 -7.21 5.02 31.53
C PRO B 65 -6.48 5.45 32.79
N LYS B 66 -6.91 6.60 33.31
CA LYS B 66 -6.23 7.21 34.46
C LYS B 66 -6.12 6.26 35.63
N GLU B 67 -7.16 5.45 35.87
CA GLU B 67 -7.24 4.55 37.03
C GLU B 67 -6.05 3.62 37.08
N GLU B 68 -5.74 2.99 35.93
CA GLU B 68 -4.56 2.15 35.81
C GLU B 68 -3.30 3.00 35.72
N ARG B 69 -3.35 4.10 34.98
CA ARG B 69 -2.14 4.83 34.63
C ARG B 69 -1.44 5.35 35.88
N ILE B 70 -2.17 5.97 36.81
CA ILE B 70 -1.44 6.51 37.95
C ILE B 70 -0.87 5.38 38.81
N ALA B 71 -1.59 4.26 38.88
CA ALA B 71 -1.17 3.12 39.68
C ALA B 71 0.21 2.64 39.28
N LYS B 72 0.56 2.82 38.01
CA LYS B 72 1.84 2.37 37.50
C LYS B 72 2.96 3.34 37.78
N GLY B 73 2.72 4.44 38.49
CA GLY B 73 3.77 5.37 38.77
C GLY B 73 4.03 6.42 37.71
N LYS B 74 3.16 6.57 36.73
CA LYS B 74 3.28 7.58 35.69
C LYS B 74 2.12 8.56 35.71
N PRO B 75 2.30 9.75 35.13
CA PRO B 75 1.27 10.80 35.15
C PRO B 75 -0.08 10.29 34.72
N PRO B 76 -1.16 10.88 35.24
CA PRO B 76 -2.50 10.37 34.91
C PRO B 76 -2.90 10.63 33.45
N ILE B 77 -2.43 11.73 32.87
CA ILE B 77 -2.71 12.09 31.49
C ILE B 77 -1.53 11.70 30.62
N GLY B 78 -1.77 10.78 29.70
CA GLY B 78 -0.73 10.34 28.81
C GLY B 78 -0.35 11.41 27.82
N THR B 79 0.85 11.27 27.26
CA THR B 79 1.38 12.24 26.34
C THR B 79 1.49 11.58 24.98
N LEU B 80 1.01 12.25 23.96
CA LEU B 80 1.03 11.76 22.60
C LEU B 80 1.72 12.81 21.78
N ILE B 81 2.76 12.42 21.04
CA ILE B 81 3.64 13.37 20.36
C ILE B 81 3.67 13.08 18.89
N LEU B 82 3.51 14.09 18.07
CA LEU B 82 3.69 13.96 16.64
C LEU B 82 4.88 14.82 16.25
N SER B 83 5.90 14.21 15.66
CA SER B 83 7.13 14.92 15.33
C SER B 83 7.56 14.65 13.89
N ALA B 84 8.14 15.67 13.24
CA ALA B 84 8.76 15.53 11.93
C ALA B 84 10.17 16.13 11.95
N ARG B 85 11.20 15.32 11.72
CA ARG B 85 12.58 15.81 11.77
C ARG B 85 13.35 15.47 10.50
N HIS B 86 14.26 16.37 10.12
CA HIS B 86 15.02 16.24 8.89
C HIS B 86 16.35 15.59 9.23
N GLU B 87 16.48 14.29 8.95
CA GLU B 87 17.71 13.59 9.31
C GLU B 87 18.88 14.06 8.46
N GLY B 88 18.68 14.16 7.15
CA GLY B 88 19.67 14.70 6.24
C GLY B 88 19.01 14.93 4.91
N ASN B 89 18.69 13.82 4.25
CA ASN B 89 17.92 13.89 3.02
C ASN B 89 16.64 13.11 3.19
N ASN B 90 16.37 12.67 4.42
CA ASN B 90 15.18 11.89 4.75
C ASN B 90 14.27 12.74 5.62
N VAL B 91 12.97 12.65 5.39
CA VAL B 91 11.98 13.25 6.27
C VAL B 91 11.47 12.16 7.19
N VAL B 92 11.62 12.36 8.49
CA VAL B 92 11.27 11.34 9.46
C VAL B 92 10.14 11.85 10.33
N ILE B 93 8.99 11.20 10.24
CA ILE B 93 7.82 11.54 11.03
C ILE B 93 7.58 10.38 11.97
N GLU B 94 7.29 10.67 13.22
CA GLU B 94 7.05 9.56 14.13
C GLU B 94 5.98 9.96 15.13
N VAL B 95 5.28 8.96 15.62
CA VAL B 95 4.26 9.13 16.64
C VAL B 95 4.61 8.27 17.83
N GLU B 96 4.64 8.87 19.00
CA GLU B 96 4.96 8.17 20.23
C GLU B 96 3.92 8.46 21.30
N ASP B 97 3.75 7.52 22.21
CA ASP B 97 2.83 7.61 23.33
C ASP B 97 3.52 6.96 24.52
N ASP B 98 3.18 7.38 25.75
CA ASP B 98 3.69 6.70 26.95
C ASP B 98 2.61 5.80 27.55
N GLY B 99 2.37 4.68 26.87
CA GLY B 99 1.19 3.87 27.11
C GLY B 99 1.49 2.44 27.48
N ARG B 100 0.46 1.62 27.41
CA ARG B 100 0.62 0.22 27.81
C ARG B 100 1.69 -0.45 26.98
N GLY B 101 1.71 -0.20 25.70
CA GLY B 101 2.72 -0.86 24.88
C GLY B 101 2.17 -2.09 24.23
N ILE B 102 2.67 -2.39 23.04
CA ILE B 102 2.20 -3.54 22.28
C ILE B 102 2.76 -4.80 22.91
N ASP B 103 1.92 -5.82 23.10
CA ASP B 103 2.36 -7.06 23.75
C ASP B 103 3.15 -7.89 22.76
N LYS B 104 4.47 -7.91 22.92
CA LYS B 104 5.36 -8.54 21.94
C LYS B 104 5.25 -10.06 21.95
N GLU B 105 5.14 -10.65 23.16
CA GLU B 105 5.17 -12.09 23.37
C GLU B 105 3.87 -12.75 23.00
N LYS B 106 2.73 -12.09 23.26
CA LYS B 106 1.46 -12.58 22.76
C LYS B 106 1.29 -12.41 21.24
N ILE B 107 1.93 -11.40 20.64
CA ILE B 107 1.93 -11.28 19.19
C ILE B 107 2.57 -12.51 18.56
N ILE B 108 3.57 -13.07 19.24
CA ILE B 108 4.18 -14.26 18.72
C ILE B 108 3.23 -15.42 18.81
N ARG B 109 2.38 -15.46 19.83
CA ARG B 109 1.47 -16.59 19.93
C ARG B 109 0.46 -16.58 18.82
N LYS B 110 0.30 -15.46 18.14
CA LYS B 110 -0.60 -15.46 17.01
C LYS B 110 0.14 -15.96 15.80
N ALA B 111 1.40 -15.54 15.63
CA ALA B 111 2.15 -15.96 14.47
C ALA B 111 2.30 -17.48 14.43
N ILE B 112 2.45 -18.13 15.58
CA ILE B 112 2.53 -19.59 15.58
C ILE B 112 1.19 -20.19 15.17
N GLU B 113 0.10 -19.72 15.81
CA GLU B 113 -1.18 -20.40 15.57
C GLU B 113 -1.67 -20.02 14.17
N LYS B 114 -1.48 -18.75 13.82
CA LYS B 114 -1.87 -18.16 12.54
C LYS B 114 -1.08 -18.78 11.39
N GLY B 115 -0.02 -19.51 11.70
CA GLY B 115 0.72 -20.20 10.67
C GLY B 115 1.62 -19.30 9.87
N LEU B 116 1.88 -18.08 10.35
CA LEU B 116 2.77 -17.19 9.63
C LEU B 116 4.21 -17.66 9.71
N ILE B 117 4.63 -18.21 10.86
CA ILE B 117 5.97 -18.73 11.02
C ILE B 117 5.99 -19.91 11.99
N ASP B 118 7.01 -20.76 11.84
CA ASP B 118 7.16 -21.99 12.61
C ASP B 118 7.18 -21.68 14.11
N GLU B 119 6.82 -22.67 14.92
CA GLU B 119 6.80 -22.46 16.36
C GLU B 119 8.20 -22.21 16.90
N SER B 120 9.18 -22.93 16.38
CA SER B 120 10.56 -22.79 16.85
C SER B 120 11.22 -21.52 16.33
N LYS B 121 10.69 -20.93 15.25
CA LYS B 121 11.30 -19.76 14.65
C LYS B 121 10.98 -18.47 15.39
N ALA B 122 10.25 -18.54 16.50
CA ALA B 122 10.03 -17.31 17.24
C ALA B 122 11.36 -16.69 17.57
N ALA B 123 12.33 -17.54 17.90
CA ALA B 123 13.65 -17.07 18.29
C ALA B 123 14.38 -16.37 17.16
N THR B 124 14.27 -16.83 15.93
CA THR B 124 15.00 -16.10 14.91
C THR B 124 14.47 -14.70 14.78
N LEU B 125 13.19 -14.52 15.11
CA LEU B 125 12.55 -13.23 14.98
C LEU B 125 13.16 -12.24 15.97
N SER B 126 13.31 -11.00 15.52
CA SER B 126 13.82 -9.95 16.38
C SER B 126 12.64 -9.14 16.90
N ASP B 127 12.82 -8.46 18.03
CA ASP B 127 11.73 -7.63 18.50
C ASP B 127 11.24 -6.75 17.39
N GLN B 128 12.18 -6.21 16.64
CA GLN B 128 11.86 -5.38 15.50
C GLN B 128 10.98 -6.10 14.49
N GLU B 129 11.25 -7.39 14.22
CA GLU B 129 10.45 -8.14 13.26
C GLU B 129 9.09 -8.57 13.82
N ILE B 130 9.02 -8.88 15.11
CA ILE B 130 7.77 -9.32 15.73
C ILE B 130 6.65 -8.33 15.47
N LEU B 131 6.94 -7.04 15.63
CA LEU B 131 5.90 -6.02 15.48
C LEU B 131 5.60 -5.76 14.01
N ASN B 132 6.59 -5.99 13.13
CA ASN B 132 6.31 -5.94 11.71
C ASN B 132 5.21 -6.94 11.36
N PHE B 133 5.01 -7.97 12.19
CA PHE B 133 3.91 -8.87 11.99
C PHE B 133 2.59 -8.21 12.26
N LEU B 134 2.60 -7.03 12.86
CA LEU B 134 1.35 -6.33 13.02
C LEU B 134 0.86 -5.86 11.70
N PHE B 135 1.74 -5.95 10.73
CA PHE B 135 1.52 -5.50 9.38
C PHE B 135 0.90 -6.59 8.53
N VAL B 136 0.74 -7.81 9.06
CA VAL B 136 0.07 -8.82 8.23
C VAL B 136 -1.41 -8.50 8.10
N PRO B 137 -1.94 -8.47 6.89
CA PRO B 137 -3.34 -8.08 6.72
C PRO B 137 -4.25 -8.85 7.65
N GLY B 138 -5.22 -8.16 8.22
CA GLY B 138 -6.14 -8.78 9.14
C GLY B 138 -5.50 -9.64 10.21
N PHE B 139 -4.25 -9.33 10.60
CA PHE B 139 -3.57 -10.07 11.66
C PHE B 139 -4.48 -10.23 12.87
N SER B 140 -5.13 -9.15 13.29
CA SER B 140 -5.91 -9.15 14.51
C SER B 140 -6.98 -10.25 14.52
N THR B 141 -7.13 -10.89 15.68
CA THR B 141 -8.20 -11.85 15.94
C THR B 141 -9.36 -11.24 16.67
N LYS B 142 -9.35 -9.91 16.86
CA LYS B 142 -10.21 -9.26 17.84
C LYS B 142 -11.57 -8.84 17.28
N GLU B 143 -11.67 -8.58 15.98
CA GLU B 143 -12.94 -8.29 15.32
C GLU B 143 -13.51 -9.56 14.72
N LYS B 144 -14.70 -9.96 15.18
CA LYS B 144 -15.20 -11.30 14.94
C LYS B 144 -15.72 -11.49 13.52
N VAL B 145 -15.70 -12.76 13.08
CA VAL B 145 -16.27 -13.20 11.81
C VAL B 145 -17.66 -12.64 11.68
N SER B 146 -18.38 -12.64 12.80
CA SER B 146 -19.75 -12.18 12.80
C SER B 146 -19.88 -10.74 12.35
N GLU B 147 -19.00 -9.88 12.85
CA GLU B 147 -19.20 -8.45 12.68
C GLU B 147 -17.93 -7.83 12.11
N VAL B 148 -18.07 -7.15 10.99
CA VAL B 148 -16.99 -6.34 10.45
C VAL B 148 -17.61 -5.01 10.06
N SER B 149 -17.21 -3.96 10.78
CA SER B 149 -17.85 -2.67 10.62
C SER B 149 -17.79 -2.25 9.16
N GLY B 150 -18.68 -1.34 8.77
CA GLY B 150 -18.73 -0.93 7.37
C GLY B 150 -17.43 -0.36 6.87
N ARG B 151 -16.76 0.44 7.70
CA ARG B 151 -15.47 1.05 7.45
C ARG B 151 -14.39 0.46 8.37
N GLY B 152 -13.26 0.07 7.79
CA GLY B 152 -12.12 -0.48 8.50
C GLY B 152 -10.72 -0.02 8.14
N VAL B 153 -10.02 0.59 9.09
CA VAL B 153 -8.62 0.95 8.90
C VAL B 153 -7.73 -0.27 9.19
N GLY B 154 -7.01 -0.76 8.17
CA GLY B 154 -6.13 -1.90 8.37
C GLY B 154 -4.78 -1.32 8.78
N MET B 155 -3.96 -2.12 9.48
CA MET B 155 -2.60 -1.66 9.79
C MET B 155 -1.82 -1.46 8.51
N ASP B 156 -2.27 -2.09 7.46
CA ASP B 156 -1.38 -2.27 6.36
C ASP B 156 -1.45 -1.10 5.41
N VAL B 157 -2.64 -0.50 5.39
CA VAL B 157 -2.85 0.66 4.54
C VAL B 157 -1.82 1.70 4.91
N VAL B 158 -1.49 1.77 6.20
CA VAL B 158 -0.40 2.64 6.63
C VAL B 158 0.89 2.17 6.02
N LYS B 159 1.26 0.93 6.31
CA LYS B 159 2.47 0.37 5.78
C LYS B 159 2.53 0.47 4.27
N ASN B 160 1.40 0.29 3.60
CA ASN B 160 1.46 0.26 2.15
C ASN B 160 1.78 1.63 1.63
N VAL B 161 0.98 2.62 2.03
CA VAL B 161 1.26 3.99 1.64
C VAL B 161 2.71 4.32 1.91
N VAL B 162 3.19 3.94 3.07
CA VAL B 162 4.54 4.37 3.43
C VAL B 162 5.51 3.88 2.38
N GLU B 163 5.43 2.59 2.07
CA GLU B 163 6.40 2.03 1.12
C GLU B 163 6.14 2.54 -0.30
N SER B 164 4.91 2.93 -0.63
CA SER B 164 4.68 3.45 -1.97
C SER B 164 5.63 4.62 -2.23
N LEU B 165 5.87 5.41 -1.20
CA LEU B 165 6.68 6.59 -1.26
C LEU B 165 8.10 6.34 -0.87
N ASN B 166 8.54 5.10 -0.88
CA ASN B 166 9.90 4.75 -0.47
C ASN B 166 10.14 5.06 0.99
N GLY B 167 9.11 4.85 1.79
CA GLY B 167 9.16 5.13 3.23
C GLY B 167 9.13 3.89 4.10
N SER B 168 9.95 3.89 5.13
CA SER B 168 10.09 2.65 5.89
C SER B 168 9.36 2.93 7.17
N ILE B 169 8.18 2.40 7.32
CA ILE B 169 7.50 2.49 8.60
C ILE B 169 8.14 1.50 9.54
N SER B 170 8.06 1.76 10.84
CA SER B 170 8.56 0.82 11.84
C SER B 170 7.80 1.00 13.15
N ILE B 171 7.87 -0.04 14.00
CA ILE B 171 7.30 -0.02 15.35
C ILE B 171 8.37 -0.45 16.33
N GLU B 172 8.58 0.35 17.38
CA GLU B 172 9.48 0.05 18.49
C GLU B 172 8.65 0.12 19.76
N SER B 173 8.77 -0.90 20.60
CA SER B 173 7.93 -0.92 21.78
C SER B 173 8.52 -1.67 22.96
N GLU B 174 8.11 -1.21 24.16
CA GLU B 174 8.40 -1.75 25.48
C GLU B 174 7.13 -1.66 26.33
N LYS B 175 6.84 -2.76 27.03
CA LYS B 175 5.64 -2.87 27.85
C LYS B 175 5.53 -1.73 28.85
N ASP B 176 4.34 -1.15 28.96
CA ASP B 176 3.98 -0.26 30.05
C ASP B 176 4.75 1.04 29.99
N LYS B 177 5.62 1.21 29.02
CA LYS B 177 6.40 2.42 28.94
C LYS B 177 6.03 3.30 27.76
N GLY B 178 5.29 2.77 26.80
CA GLY B 178 4.92 3.49 25.60
C GLY B 178 5.48 2.86 24.34
N THR B 179 4.97 3.34 23.21
CA THR B 179 5.34 2.78 21.92
C THR B 179 5.69 3.92 20.97
N LYS B 180 6.59 3.65 20.03
CA LYS B 180 7.01 4.67 19.08
C LYS B 180 6.94 4.05 17.70
N VAL B 181 6.25 4.72 16.79
CA VAL B 181 6.07 4.28 15.41
C VAL B 181 6.67 5.35 14.52
N THR B 182 7.38 4.95 13.48
CA THR B 182 8.19 5.85 12.69
C THR B 182 8.01 5.69 11.18
N ILE B 183 7.98 6.80 10.46
CA ILE B 183 7.84 6.81 9.01
C ILE B 183 8.96 7.65 8.41
N ARG B 184 9.89 7.00 7.73
CA ARG B 184 11.04 7.64 7.10
C ARG B 184 10.73 7.97 5.64
N LEU B 185 10.94 9.22 5.22
CA LEU B 185 10.58 9.57 3.83
C LEU B 185 11.70 10.28 3.07
N PRO B 186 11.87 10.00 1.76
CA PRO B 186 12.98 10.59 1.00
C PRO B 186 12.67 12.00 0.49
N LEU B 187 13.74 12.71 0.11
CA LEU B 187 13.66 14.09 -0.39
C LEU B 187 12.84 14.98 0.55
N ILE C 1 -4.55 -21.50 3.72
CA ILE C 1 -5.41 -20.42 4.19
C ILE C 1 -6.87 -20.89 4.22
N ARG C 2 -7.56 -20.63 5.32
CA ARG C 2 -8.92 -21.12 5.47
C ARG C 2 -9.88 -20.22 4.68
N MET C 3 -10.89 -20.81 4.04
CA MET C 3 -11.75 -20.08 3.12
C MET C 3 -13.18 -19.94 3.63
N VAL C 4 -13.78 -18.78 3.40
CA VAL C 4 -15.13 -18.45 3.88
C VAL C 4 -15.86 -17.65 2.80
N PRO C 5 -17.18 -17.68 2.82
CA PRO C 5 -17.92 -17.01 1.75
C PRO C 5 -17.75 -15.51 1.81
N ILE C 6 -17.74 -14.91 0.63
CA ILE C 6 -17.58 -13.47 0.50
C ILE C 6 -18.90 -12.83 0.92
N SER C 7 -19.88 -13.68 1.24
CA SER C 7 -21.17 -13.18 1.63
C SER C 7 -21.06 -12.22 2.80
N PHE C 8 -20.28 -12.61 3.80
CA PHE C 8 -20.29 -11.84 5.04
C PHE C 8 -19.90 -10.40 4.79
N VAL C 9 -18.85 -10.17 4.00
CA VAL C 9 -18.47 -8.80 3.70
C VAL C 9 -19.50 -8.19 2.77
N PHE C 10 -19.92 -8.94 1.78
CA PHE C 10 -20.83 -8.36 0.79
C PHE C 10 -22.15 -7.98 1.41
N ASN C 11 -22.67 -8.79 2.30
CA ASN C 11 -24.03 -8.56 2.76
C ASN C 11 -24.19 -7.27 3.58
N ARG C 12 -23.11 -6.71 4.12
CA ARG C 12 -23.21 -5.54 4.99
C ARG C 12 -23.62 -4.28 4.23
N PHE C 13 -23.27 -4.18 2.95
CA PHE C 13 -23.36 -2.89 2.23
C PHE C 13 -24.72 -2.26 2.09
N PRO C 14 -25.83 -2.99 1.91
CA PRO C 14 -27.09 -2.29 1.58
C PRO C 14 -27.49 -1.22 2.58
N ARG C 15 -27.45 -1.49 3.88
CA ARG C 15 -27.75 -0.42 4.82
C ARG C 15 -26.79 0.75 4.65
N MET C 16 -25.51 0.48 4.40
CA MET C 16 -24.57 1.57 4.10
C MET C 16 -24.97 2.30 2.83
N VAL C 17 -25.39 1.56 1.81
CA VAL C 17 -25.87 2.18 0.59
C VAL C 17 -27.12 2.99 0.89
N ARG C 18 -28.03 2.44 1.70
CA ARG C 18 -29.24 3.16 2.07
C ARG C 18 -28.85 4.47 2.74
N ASP C 19 -27.88 4.38 3.63
CA ASP C 19 -27.35 5.48 4.41
C ASP C 19 -26.97 6.59 3.45
N LEU C 20 -26.05 6.23 2.56
CA LEU C 20 -25.45 7.13 1.58
C LEU C 20 -26.49 7.66 0.62
N ALA C 21 -27.39 6.79 0.16
CA ALA C 21 -28.36 7.20 -0.85
C ALA C 21 -29.14 8.41 -0.35
N LYS C 22 -29.68 8.31 0.86
CA LYS C 22 -30.43 9.42 1.41
C LYS C 22 -29.51 10.61 1.67
N LYS C 23 -28.22 10.37 1.95
CA LYS C 23 -27.30 11.47 2.25
C LYS C 23 -27.20 12.47 1.10
N MET C 24 -27.20 11.99 -0.15
CA MET C 24 -27.23 12.91 -1.29
C MET C 24 -28.61 12.93 -1.89
N ASN C 25 -29.60 12.57 -1.09
CA ASN C 25 -31.02 12.73 -1.42
C ASN C 25 -31.28 12.11 -2.79
N LYS C 26 -30.54 11.02 -3.06
CA LYS C 26 -30.60 10.32 -4.33
C LYS C 26 -31.07 8.88 -4.11
N GLU C 27 -31.99 8.44 -4.95
CA GLU C 27 -32.51 7.09 -4.86
C GLU C 27 -31.60 6.20 -5.69
N VAL C 28 -31.21 5.07 -5.13
CA VAL C 28 -30.25 4.20 -5.82
C VAL C 28 -30.72 2.76 -5.74
N ASN C 29 -30.29 1.98 -6.72
CA ASN C 29 -30.55 0.55 -6.82
C ASN C 29 -29.25 -0.20 -6.62
N PHE C 30 -29.20 -1.02 -5.58
CA PHE C 30 -28.02 -1.77 -5.19
C PHE C 30 -28.29 -3.22 -5.50
N ILE C 31 -27.41 -3.81 -6.31
CA ILE C 31 -27.51 -5.19 -6.75
C ILE C 31 -26.22 -5.88 -6.35
N MET C 32 -26.31 -7.01 -5.65
CA MET C 32 -25.13 -7.79 -5.30
C MET C 32 -25.25 -9.17 -5.90
N ARG C 33 -24.25 -9.55 -6.67
CA ARG C 33 -24.24 -10.80 -7.39
C ARG C 33 -22.98 -11.55 -7.00
N GLY C 34 -23.03 -12.86 -7.11
CA GLY C 34 -21.87 -13.63 -6.73
C GLY C 34 -21.57 -13.70 -5.25
N GLU C 35 -22.58 -13.57 -4.40
CA GLU C 35 -22.38 -13.71 -2.95
C GLU C 35 -21.85 -15.08 -2.55
N ASP C 36 -22.05 -16.11 -3.38
CA ASP C 36 -21.63 -17.47 -3.05
C ASP C 36 -20.13 -17.68 -3.12
N THR C 37 -19.39 -16.76 -3.76
CA THR C 37 -17.94 -16.89 -3.92
C THR C 37 -17.25 -16.91 -2.58
N GLU C 38 -16.15 -17.66 -2.47
CA GLU C 38 -15.48 -17.86 -1.19
C GLU C 38 -14.02 -17.42 -1.29
N LEU C 39 -13.56 -16.67 -0.28
CA LEU C 39 -12.22 -16.08 -0.23
C LEU C 39 -11.58 -16.31 1.12
N ASP C 40 -10.33 -15.93 1.20
CA ASP C 40 -9.62 -16.01 2.46
C ASP C 40 -10.30 -15.11 3.48
N ARG C 41 -10.33 -15.58 4.73
CA ARG C 41 -10.85 -14.77 5.81
C ARG C 41 -10.06 -13.48 5.98
N THR C 42 -8.75 -13.48 5.71
CA THR C 42 -8.03 -12.21 5.75
C THR C 42 -8.72 -11.18 4.86
N PHE C 43 -9.00 -11.55 3.61
CA PHE C 43 -9.54 -10.61 2.64
C PHE C 43 -10.87 -10.04 3.10
N VAL C 44 -11.78 -10.91 3.56
CA VAL C 44 -13.12 -10.44 3.91
C VAL C 44 -13.03 -9.28 4.89
N GLU C 45 -12.27 -9.43 5.96
CA GLU C 45 -12.25 -8.39 6.97
C GLU C 45 -11.72 -7.09 6.39
N GLU C 46 -10.62 -7.17 5.63
CA GLU C 46 -10.00 -5.94 5.12
C GLU C 46 -10.75 -5.37 3.93
N ILE C 47 -11.21 -6.20 2.98
CA ILE C 47 -11.77 -5.65 1.74
C ILE C 47 -13.07 -4.90 1.97
N GLY C 48 -13.62 -4.91 3.19
CA GLY C 48 -14.90 -4.26 3.39
C GLY C 48 -14.88 -2.77 3.14
N GLU C 49 -13.98 -2.08 3.83
CA GLU C 49 -13.86 -0.63 3.70
C GLU C 49 -13.55 -0.15 2.29
N PRO C 50 -12.62 -0.74 1.53
CA PRO C 50 -12.29 -0.18 0.21
C PRO C 50 -13.48 -0.07 -0.73
N LEU C 51 -14.23 -1.15 -0.84
CA LEU C 51 -15.37 -1.16 -1.73
C LEU C 51 -16.33 -0.03 -1.38
N LEU C 52 -16.47 0.30 -0.10
CA LEU C 52 -17.59 1.12 0.32
C LEU C 52 -17.55 2.51 -0.30
N HIS C 53 -16.39 3.17 -0.32
CA HIS C 53 -16.48 4.46 -0.97
C HIS C 53 -16.45 4.35 -2.49
N LEU C 54 -15.97 3.23 -3.05
CA LEU C 54 -16.27 2.93 -4.45
C LEU C 54 -17.77 2.92 -4.64
N LEU C 55 -18.50 2.35 -3.68
CA LEU C 55 -19.95 2.53 -3.73
C LEU C 55 -20.31 4.00 -3.55
N ARG C 56 -19.70 4.70 -2.57
CA ARG C 56 -20.09 6.10 -2.31
C ARG C 56 -19.85 6.92 -3.56
N ASN C 57 -18.72 6.73 -4.23
CA ASN C 57 -18.47 7.49 -5.44
C ASN C 57 -19.67 7.38 -6.36
N ALA C 58 -20.05 6.14 -6.66
CA ALA C 58 -21.17 5.89 -7.54
C ALA C 58 -22.45 6.48 -6.98
N ILE C 59 -22.78 6.16 -5.73
CA ILE C 59 -23.98 6.71 -5.13
C ILE C 59 -23.90 8.22 -5.05
N ASP C 60 -22.85 8.71 -4.42
CA ASP C 60 -22.88 10.10 -4.01
C ASP C 60 -22.79 11.01 -5.23
N HIS C 61 -21.72 10.89 -6.02
CA HIS C 61 -21.50 11.84 -7.09
C HIS C 61 -21.76 11.29 -8.48
N GLY C 62 -21.52 10.00 -8.71
CA GLY C 62 -21.70 9.47 -10.06
C GLY C 62 -23.15 9.43 -10.48
N ILE C 63 -24.02 8.89 -9.65
CA ILE C 63 -25.41 8.77 -10.04
C ILE C 63 -26.06 10.12 -9.90
N GLU C 64 -26.66 10.58 -11.00
CA GLU C 64 -27.33 11.88 -11.14
C GLU C 64 -28.71 11.95 -10.50
N PRO C 65 -29.22 13.17 -10.27
CA PRO C 65 -30.59 13.34 -9.75
C PRO C 65 -31.66 12.88 -10.70
N LYS C 66 -32.84 12.68 -10.13
CA LYS C 66 -33.97 12.15 -10.86
C LYS C 66 -34.15 12.93 -12.17
N GLU C 67 -34.08 14.25 -12.08
CA GLU C 67 -34.24 15.10 -13.25
C GLU C 67 -33.15 14.89 -14.29
N GLU C 68 -31.90 14.69 -13.86
CA GLU C 68 -30.82 14.55 -14.82
C GLU C 68 -30.91 13.25 -15.60
N ARG C 69 -31.18 12.14 -14.92
CA ARG C 69 -31.22 10.87 -15.63
C ARG C 69 -32.32 10.86 -16.68
N ILE C 70 -33.50 11.35 -16.31
CA ILE C 70 -34.62 11.43 -17.25
C ILE C 70 -34.24 12.28 -18.45
N ALA C 71 -33.53 13.37 -18.21
CA ALA C 71 -33.17 14.24 -19.32
C ALA C 71 -32.26 13.51 -20.31
N LYS C 72 -31.36 12.68 -19.80
CA LYS C 72 -30.36 12.00 -20.60
C LYS C 72 -30.80 10.68 -21.17
N GLY C 73 -32.03 10.27 -20.96
CA GLY C 73 -32.36 8.97 -21.47
C GLY C 73 -31.90 7.89 -20.54
N LYS C 74 -31.39 8.27 -19.41
CA LYS C 74 -30.99 7.32 -18.44
C LYS C 74 -32.17 6.99 -17.55
N PRO C 75 -32.29 5.73 -17.14
CA PRO C 75 -33.37 5.38 -16.24
C PRO C 75 -33.31 6.27 -15.04
N PRO C 76 -34.46 6.61 -14.46
CA PRO C 76 -34.43 7.61 -13.38
C PRO C 76 -33.79 7.12 -12.11
N ILE C 77 -33.96 5.84 -11.75
CA ILE C 77 -33.37 5.33 -10.52
C ILE C 77 -32.05 4.67 -10.88
N GLY C 78 -30.97 5.23 -10.36
CA GLY C 78 -29.67 4.69 -10.66
C GLY C 78 -29.47 3.33 -10.04
N THR C 79 -28.63 2.54 -10.67
CA THR C 79 -28.38 1.16 -10.29
C THR C 79 -26.91 0.96 -10.00
N LEU C 80 -26.61 0.31 -8.87
CA LEU C 80 -25.25 0.01 -8.45
C LEU C 80 -25.12 -1.48 -8.27
N ILE C 81 -24.12 -2.07 -8.91
CA ILE C 81 -23.98 -3.52 -8.91
C ILE C 81 -22.63 -3.87 -8.33
N LEU C 82 -22.63 -4.81 -7.42
CA LEU C 82 -21.47 -5.35 -6.77
C LEU C 82 -21.32 -6.80 -7.18
N SER C 83 -20.21 -7.18 -7.78
CA SER C 83 -20.08 -8.51 -8.35
C SER C 83 -18.84 -9.22 -7.81
N ALA C 84 -18.95 -10.54 -7.68
CA ALA C 84 -17.82 -11.38 -7.32
C ALA C 84 -17.75 -12.60 -8.23
N ARG C 85 -16.68 -12.73 -9.00
CA ARG C 85 -16.53 -13.87 -9.90
C ARG C 85 -15.24 -14.59 -9.51
N HIS C 86 -15.26 -15.93 -9.53
CA HIS C 86 -14.12 -16.78 -9.13
C HIS C 86 -13.35 -17.13 -10.40
N GLU C 87 -12.22 -16.45 -10.65
CA GLU C 87 -11.42 -16.69 -11.84
C GLU C 87 -10.09 -17.43 -11.62
N GLY C 88 -9.96 -18.23 -10.56
CA GLY C 88 -8.75 -19.03 -10.39
C GLY C 88 -7.48 -18.27 -10.04
N ASN C 89 -7.61 -17.10 -9.42
CA ASN C 89 -6.46 -16.33 -8.95
C ASN C 89 -6.80 -15.64 -7.66
N VAL C 91 -10.76 -14.84 -7.75
CA VAL C 91 -11.93 -14.09 -7.35
C VAL C 91 -11.82 -12.64 -7.75
N VAL C 92 -12.76 -12.17 -8.56
CA VAL C 92 -12.73 -10.82 -9.08
C VAL C 92 -13.98 -10.11 -8.61
N ILE C 93 -13.81 -8.96 -7.97
CA ILE C 93 -14.91 -8.17 -7.45
C ILE C 93 -15.01 -6.90 -8.27
N GLU C 94 -16.24 -6.48 -8.62
CA GLU C 94 -16.50 -5.29 -9.42
C GLU C 94 -17.74 -4.55 -8.93
N VAL C 95 -17.71 -3.23 -9.03
CA VAL C 95 -18.87 -2.40 -8.77
C VAL C 95 -19.08 -1.53 -9.99
N GLU C 96 -20.28 -1.55 -10.53
CA GLU C 96 -20.57 -0.71 -11.67
C GLU C 96 -21.84 0.08 -11.42
N ASP C 97 -21.91 1.19 -12.11
CA ASP C 97 -22.89 2.25 -11.99
C ASP C 97 -23.67 2.35 -13.29
N ASP C 98 -24.85 2.95 -13.23
CA ASP C 98 -25.38 3.56 -14.43
C ASP C 98 -25.22 5.07 -14.33
N GLY C 99 -23.99 5.55 -14.39
CA GLY C 99 -23.71 6.91 -13.98
C GLY C 99 -23.14 7.83 -15.05
N ARG C 100 -22.84 9.06 -14.60
CA ARG C 100 -22.27 10.05 -15.50
C ARG C 100 -20.95 9.56 -16.04
N GLY C 101 -20.22 8.85 -15.22
CA GLY C 101 -18.93 8.40 -15.71
C GLY C 101 -17.88 9.38 -15.28
N ILE C 102 -16.68 8.87 -15.10
CA ILE C 102 -15.58 9.72 -14.70
C ILE C 102 -15.16 10.54 -15.91
N ASP C 103 -14.99 11.84 -15.71
CA ASP C 103 -14.56 12.66 -16.83
C ASP C 103 -13.14 12.25 -17.14
N LYS C 104 -13.01 11.53 -18.24
CA LYS C 104 -11.72 11.00 -18.63
C LYS C 104 -10.80 12.10 -19.13
N GLU C 105 -11.35 13.06 -19.88
CA GLU C 105 -10.48 14.03 -20.52
C GLU C 105 -10.07 15.18 -19.59
N LYS C 106 -10.90 15.52 -18.60
CA LYS C 106 -10.47 16.47 -17.57
C LYS C 106 -9.28 15.93 -16.81
N ILE C 107 -9.14 14.62 -16.76
CA ILE C 107 -7.96 14.03 -16.16
C ILE C 107 -6.71 14.53 -16.87
N ILE C 108 -6.79 14.72 -18.18
CA ILE C 108 -5.66 15.30 -18.90
C ILE C 108 -5.47 16.75 -18.48
N ARG C 109 -6.56 17.43 -18.14
CA ARG C 109 -6.57 18.80 -17.63
C ARG C 109 -6.01 18.90 -16.20
N LYS C 110 -5.31 17.87 -15.73
CA LYS C 110 -4.67 17.87 -14.43
C LYS C 110 -3.20 17.50 -14.50
N ALA C 111 -2.82 16.57 -15.37
CA ALA C 111 -1.41 16.21 -15.52
C ALA C 111 -0.58 17.39 -16.00
N ILE C 112 -1.15 18.25 -16.85
CA ILE C 112 -0.40 19.41 -17.35
C ILE C 112 -0.06 20.35 -16.21
N GLU C 113 -1.06 20.75 -15.43
CA GLU C 113 -0.78 21.65 -14.31
C GLU C 113 0.13 20.96 -13.29
N LYS C 114 -0.09 19.66 -13.04
CA LYS C 114 0.68 18.90 -12.07
C LYS C 114 1.92 18.19 -12.63
N GLY C 115 2.05 18.02 -13.95
CA GLY C 115 3.29 17.49 -14.51
C GLY C 115 3.53 15.99 -14.49
N LEU C 116 2.50 15.16 -14.34
CA LEU C 116 2.71 13.71 -14.37
C LEU C 116 3.12 13.17 -15.73
N ILE C 117 2.63 13.74 -16.83
CA ILE C 117 3.06 13.33 -18.16
C ILE C 117 3.08 14.55 -19.07
N ASP C 118 3.93 14.49 -20.09
CA ASP C 118 4.05 15.61 -21.02
C ASP C 118 2.76 15.75 -21.80
N GLU C 119 2.53 16.96 -22.32
CA GLU C 119 1.26 17.18 -23.02
C GLU C 119 1.18 16.27 -24.24
N SER C 120 2.33 16.04 -24.89
CA SER C 120 2.37 15.09 -26.00
C SER C 120 2.34 13.65 -25.51
N LYS C 121 2.35 13.41 -24.18
CA LYS C 121 2.38 12.03 -23.71
C LYS C 121 1.01 11.36 -23.66
N ALA C 122 -0.07 12.12 -23.84
CA ALA C 122 -1.41 11.52 -23.88
C ALA C 122 -1.55 10.55 -25.04
N ALA C 123 -0.90 10.83 -26.17
CA ALA C 123 -1.13 10.03 -27.37
C ALA C 123 -0.72 8.57 -27.19
N THR C 124 0.37 8.31 -26.48
CA THR C 124 0.74 6.93 -26.20
C THR C 124 -0.17 6.32 -25.13
N LEU C 125 -0.68 7.14 -24.22
CA LEU C 125 -1.44 6.61 -23.10
C LEU C 125 -2.71 5.91 -23.59
N SER C 126 -3.03 4.78 -22.98
CA SER C 126 -4.23 4.05 -23.32
C SER C 126 -5.28 4.21 -22.22
N ASP C 127 -6.55 4.02 -22.61
CA ASP C 127 -7.64 4.12 -21.65
C ASP C 127 -7.30 3.37 -20.38
N GLN C 128 -6.73 2.19 -20.55
CA GLN C 128 -6.23 1.43 -19.42
C GLN C 128 -5.21 2.22 -18.63
N GLU C 129 -4.23 2.80 -19.34
CA GLU C 129 -3.20 3.61 -18.73
C GLU C 129 -3.70 5.00 -18.39
N ILE C 130 -4.60 5.59 -19.22
CA ILE C 130 -5.12 6.94 -18.98
C ILE C 130 -5.58 7.02 -17.55
N LEU C 131 -6.32 6.02 -17.13
CA LEU C 131 -7.03 5.89 -15.87
C LEU C 131 -6.22 5.28 -14.76
N ASN C 132 -5.24 4.44 -15.12
CA ASN C 132 -4.41 3.83 -14.09
C ASN C 132 -3.61 4.88 -13.32
N PHE C 133 -3.36 6.03 -13.95
CA PHE C 133 -2.68 7.21 -13.43
C PHE C 133 -3.52 8.01 -12.44
N LEU C 134 -4.74 7.60 -12.15
CA LEU C 134 -5.63 8.43 -11.33
C LEU C 134 -5.30 8.39 -9.85
N PHE C 135 -4.46 7.46 -9.42
CA PHE C 135 -4.26 7.26 -8.00
C PHE C 135 -3.15 8.11 -7.41
N VAL C 136 -2.37 8.82 -8.22
CA VAL C 136 -1.41 9.69 -7.54
C VAL C 136 -2.18 10.63 -6.63
N PRO C 137 -1.70 10.89 -5.43
CA PRO C 137 -2.52 11.58 -4.43
C PRO C 137 -2.80 13.01 -4.84
N GLY C 138 -3.86 13.58 -4.27
CA GLY C 138 -4.16 14.99 -4.49
C GLY C 138 -4.52 15.37 -5.90
N PHE C 139 -4.74 14.38 -6.78
CA PHE C 139 -5.28 14.61 -8.13
C PHE C 139 -6.52 15.48 -8.10
N SER C 140 -7.26 15.48 -6.99
CA SER C 140 -8.42 16.33 -6.83
C SER C 140 -8.07 17.79 -7.06
N THR C 141 -8.97 18.47 -7.79
CA THR C 141 -8.83 19.87 -8.13
C THR C 141 -10.26 20.40 -7.84
N LYS C 144 -1.49 25.53 -3.40
CA LYS C 144 -2.38 26.21 -2.47
C LYS C 144 -3.03 25.23 -1.48
N VAL C 145 -2.20 24.44 -0.78
CA VAL C 145 -2.74 23.66 0.33
C VAL C 145 -3.36 24.60 1.34
N SER C 146 -4.56 24.26 1.79
CA SER C 146 -5.22 25.03 2.83
C SER C 146 -5.92 24.08 3.77
N GLU C 147 -7.20 24.28 4.05
CA GLU C 147 -7.93 23.29 4.83
C GLU C 147 -7.80 21.94 4.13
N VAL C 148 -7.35 20.92 4.88
CA VAL C 148 -7.18 19.57 4.34
C VAL C 148 -7.84 18.58 5.27
N SER C 149 -8.72 17.77 4.68
CA SER C 149 -9.46 16.70 5.32
C SER C 149 -8.58 15.90 6.26
N GLY C 150 -8.79 16.05 7.57
CA GLY C 150 -7.97 15.30 8.51
C GLY C 150 -8.07 13.81 8.30
N ARG C 151 -9.30 13.32 8.09
CA ARG C 151 -9.56 11.93 7.73
C ARG C 151 -10.07 11.89 6.30
N GLY C 152 -9.17 11.58 5.36
CA GLY C 152 -9.59 11.40 3.98
C GLY C 152 -9.01 10.12 3.42
N VAL C 153 -9.89 9.15 3.26
CA VAL C 153 -9.36 7.89 2.84
C VAL C 153 -9.23 8.14 1.35
N GLY C 154 -7.99 8.23 0.89
CA GLY C 154 -7.73 8.66 -0.47
C GLY C 154 -8.08 7.58 -1.47
N MET C 155 -8.12 7.97 -2.74
CA MET C 155 -8.11 6.91 -3.75
C MET C 155 -6.81 6.16 -3.42
N ASP C 156 -5.99 6.81 -2.58
CA ASP C 156 -4.81 6.40 -1.84
C ASP C 156 -5.12 5.63 -0.54
N VAL C 157 -6.27 4.96 -0.43
CA VAL C 157 -6.51 3.99 0.63
C VAL C 157 -7.24 2.90 -0.15
N VAL C 158 -7.88 3.32 -1.24
CA VAL C 158 -8.52 2.39 -2.17
C VAL C 158 -7.49 1.61 -2.96
N LYS C 159 -6.62 2.28 -3.72
CA LYS C 159 -5.52 1.66 -4.45
C LYS C 159 -4.59 0.77 -3.62
N ASN C 160 -4.98 0.53 -2.37
CA ASN C 160 -4.07 0.51 -1.22
C ASN C 160 -4.33 -0.62 -0.27
N VAL C 161 -5.61 -0.73 0.03
CA VAL C 161 -6.13 -2.04 0.37
C VAL C 161 -5.82 -3.03 -0.75
N VAL C 162 -5.94 -2.61 -2.02
CA VAL C 162 -5.82 -3.57 -3.12
C VAL C 162 -4.37 -4.07 -3.27
N GLU C 163 -3.40 -3.15 -3.37
CA GLU C 163 -2.06 -3.63 -3.49
C GLU C 163 -1.60 -4.24 -2.18
N SER C 164 -2.24 -3.90 -1.09
CA SER C 164 -2.02 -4.57 0.19
C SER C 164 -2.28 -6.07 0.12
N LEU C 165 -3.41 -6.49 -0.48
CA LEU C 165 -3.75 -7.91 -0.59
C LEU C 165 -3.22 -8.50 -1.88
N ASN C 166 -2.17 -7.87 -2.44
CA ASN C 166 -1.52 -8.32 -3.65
C ASN C 166 -2.49 -8.31 -4.81
N GLY C 167 -3.32 -7.28 -4.81
CA GLY C 167 -4.43 -7.15 -5.73
C GLY C 167 -4.43 -5.88 -6.56
N SER C 168 -5.07 -5.97 -7.74
CA SER C 168 -5.10 -4.94 -8.80
C SER C 168 -6.50 -4.35 -8.98
N ILE C 169 -6.66 -3.09 -8.62
CA ILE C 169 -7.88 -2.37 -8.97
C ILE C 169 -7.79 -1.96 -10.44
N SER C 170 -8.95 -1.74 -11.03
CA SER C 170 -9.05 -1.12 -12.34
C SER C 170 -10.34 -0.36 -12.33
N ILE C 171 -10.40 0.68 -13.15
CA ILE C 171 -11.65 1.39 -13.37
C ILE C 171 -11.78 1.60 -14.87
N GLU C 172 -13.00 1.39 -15.39
CA GLU C 172 -13.34 1.54 -16.80
C GLU C 172 -14.50 2.53 -16.92
N SER C 173 -14.39 3.51 -17.81
CA SER C 173 -15.48 4.46 -17.90
C SER C 173 -15.63 5.07 -19.29
N GLU C 174 -16.85 5.51 -19.54
CA GLU C 174 -17.28 6.13 -20.77
C GLU C 174 -18.30 7.22 -20.44
N LYS C 175 -18.21 8.36 -21.13
CA LYS C 175 -19.07 9.52 -20.86
C LYS C 175 -20.55 9.19 -20.87
N ASP C 176 -21.25 9.59 -19.80
CA ASP C 176 -22.71 9.61 -19.64
C ASP C 176 -23.34 8.23 -19.56
N LYS C 177 -22.55 7.17 -19.61
CA LYS C 177 -23.09 5.82 -19.59
C LYS C 177 -22.66 5.00 -18.38
N GLY C 178 -21.70 5.46 -17.59
CA GLY C 178 -21.29 4.77 -16.39
C GLY C 178 -19.83 4.38 -16.37
N THR C 179 -19.41 3.92 -15.17
CA THR C 179 -18.05 3.51 -14.83
C THR C 179 -18.06 2.14 -14.19
N LYS C 180 -17.05 1.33 -14.45
CA LYS C 180 -16.98 0.05 -13.80
C LYS C 180 -15.56 -0.19 -13.34
N VAL C 181 -15.40 -0.55 -12.07
CA VAL C 181 -14.10 -0.70 -11.43
C VAL C 181 -13.88 -2.16 -11.04
N THR C 182 -12.66 -2.65 -11.18
CA THR C 182 -12.39 -4.06 -10.92
C THR C 182 -11.25 -4.20 -9.94
N ILE C 183 -11.38 -5.13 -8.99
CA ILE C 183 -10.37 -5.36 -7.97
C ILE C 183 -10.07 -6.87 -7.99
N ARG C 184 -9.03 -7.27 -8.70
CA ARG C 184 -8.67 -8.69 -8.80
C ARG C 184 -7.79 -9.08 -7.62
N LEU C 185 -8.15 -10.15 -6.92
CA LEU C 185 -7.47 -10.56 -5.69
C LEU C 185 -7.07 -12.02 -5.71
N PRO C 186 -5.91 -12.39 -5.15
CA PRO C 186 -5.42 -13.77 -5.26
C PRO C 186 -6.04 -14.79 -4.32
N LEU C 187 -6.11 -16.02 -4.81
CA LEU C 187 -6.65 -17.18 -4.09
C LEU C 187 -7.94 -16.90 -3.35
N ILE D 1 2.47 20.71 -42.64
CA ILE D 1 2.05 19.31 -42.53
C ILE D 1 0.60 19.53 -42.74
N ARG D 2 -0.13 18.76 -43.55
CA ARG D 2 -1.54 19.07 -43.76
C ARG D 2 -2.53 18.02 -43.25
N MET D 3 -3.63 18.50 -42.65
CA MET D 3 -4.72 17.66 -42.17
C MET D 3 -6.01 17.99 -42.90
N VAL D 4 -6.76 16.95 -43.28
CA VAL D 4 -7.99 17.01 -44.09
C VAL D 4 -8.98 16.00 -43.49
N PRO D 5 -10.31 16.15 -43.71
CA PRO D 5 -11.26 15.30 -42.95
C PRO D 5 -11.12 13.81 -43.14
N ILE D 6 -11.44 13.11 -42.06
CA ILE D 6 -11.42 11.66 -41.92
C ILE D 6 -12.56 11.12 -42.76
N SER D 7 -13.33 12.03 -43.33
CA SER D 7 -14.45 11.59 -44.12
C SER D 7 -13.98 10.60 -45.15
N PHE D 8 -12.83 10.89 -45.75
CA PHE D 8 -12.36 10.12 -46.89
C PHE D 8 -12.16 8.66 -46.54
N VAL D 9 -11.57 8.36 -45.39
CA VAL D 9 -11.44 6.96 -45.01
C VAL D 9 -12.79 6.40 -44.59
N PHE D 10 -13.52 7.14 -43.76
CA PHE D 10 -14.75 6.59 -43.24
C PHE D 10 -15.72 6.27 -44.35
N ASN D 11 -15.75 7.11 -45.38
CA ASN D 11 -16.73 6.93 -46.43
C ASN D 11 -16.55 5.64 -47.21
N ARG D 12 -15.36 5.04 -47.20
CA ARG D 12 -15.16 3.84 -47.99
C ARG D 12 -15.92 2.67 -47.40
N PHE D 13 -15.96 2.58 -46.09
CA PHE D 13 -16.35 1.40 -45.33
C PHE D 13 -17.81 0.98 -45.42
N PRO D 14 -18.76 1.90 -45.32
CA PRO D 14 -20.16 1.48 -45.08
C PRO D 14 -20.75 0.56 -46.13
N ARG D 15 -20.68 0.97 -47.39
CA ARG D 15 -21.14 0.08 -48.44
C ARG D 15 -20.35 -1.21 -48.42
N MET D 16 -19.06 -1.10 -48.13
CA MET D 16 -18.20 -2.26 -47.97
C MET D 16 -18.60 -3.12 -46.79
N VAL D 17 -19.08 -2.52 -45.68
CA VAL D 17 -19.40 -3.30 -44.50
C VAL D 17 -20.45 -4.39 -44.79
N ARG D 18 -21.43 -4.11 -45.65
CA ARG D 18 -22.42 -5.15 -45.95
C ARG D 18 -21.77 -6.40 -46.42
N ASP D 19 -20.81 -6.24 -47.33
CA ASP D 19 -20.19 -7.36 -48.01
C ASP D 19 -20.02 -8.47 -47.03
N LEU D 20 -19.37 -8.18 -45.93
CA LEU D 20 -19.11 -9.20 -44.96
C LEU D 20 -20.43 -9.66 -44.33
N ALA D 21 -21.21 -8.71 -43.77
CA ALA D 21 -22.36 -9.09 -42.94
C ALA D 21 -23.39 -9.92 -43.69
N LYS D 22 -23.96 -9.38 -44.79
CA LYS D 22 -24.97 -10.12 -45.54
C LYS D 22 -24.41 -11.36 -46.20
N LYS D 23 -23.18 -11.30 -46.74
CA LYS D 23 -22.60 -12.52 -47.29
C LYS D 23 -22.40 -13.52 -46.16
N MET D 24 -22.08 -13.02 -44.94
CA MET D 24 -21.88 -13.83 -43.74
C MET D 24 -23.18 -14.07 -42.98
N ASN D 25 -24.31 -14.16 -43.67
CA ASN D 25 -25.58 -14.60 -43.07
C ASN D 25 -26.03 -13.75 -41.87
N LYS D 26 -25.44 -12.58 -41.68
CA LYS D 26 -25.80 -11.78 -40.52
C LYS D 26 -25.96 -10.30 -40.81
N GLU D 27 -26.98 -9.73 -40.19
CA GLU D 27 -27.32 -8.31 -40.33
C GLU D 27 -26.64 -7.47 -39.26
N VAL D 28 -26.04 -6.36 -39.68
CA VAL D 28 -25.37 -5.42 -38.77
C VAL D 28 -25.70 -4.01 -39.19
N ASN D 29 -25.58 -3.09 -38.23
CA ASN D 29 -25.75 -1.67 -38.49
C ASN D 29 -24.41 -0.96 -38.34
N PHE D 30 -24.02 -0.23 -39.35
CA PHE D 30 -22.76 0.49 -39.32
C PHE D 30 -23.10 1.96 -39.13
N ILE D 31 -22.63 2.53 -38.04
CA ILE D 31 -22.88 3.91 -37.71
C ILE D 31 -21.53 4.57 -37.67
N MET D 32 -21.38 5.69 -38.37
CA MET D 32 -20.15 6.46 -38.34
C MET D 32 -20.42 7.88 -37.89
N ARG D 33 -19.71 8.32 -36.87
CA ARG D 33 -19.90 9.65 -36.34
C ARG D 33 -18.56 10.36 -36.25
N GLY D 34 -18.63 11.69 -36.31
CA GLY D 34 -17.42 12.50 -36.24
C GLY D 34 -16.59 12.51 -37.50
N GLU D 35 -17.21 12.33 -38.65
CA GLU D 35 -16.50 12.33 -39.92
C GLU D 35 -15.78 13.65 -40.22
N ASP D 36 -16.19 14.74 -39.58
CA ASP D 36 -15.49 16.01 -39.79
C ASP D 36 -14.15 16.06 -39.07
N THR D 37 -13.86 15.12 -38.16
CA THR D 37 -12.56 15.12 -37.48
C THR D 37 -11.46 14.93 -38.51
N GLU D 38 -10.32 15.57 -38.30
CA GLU D 38 -9.26 15.54 -39.31
C GLU D 38 -7.93 15.03 -38.81
N LEU D 39 -7.28 14.33 -39.72
CA LEU D 39 -6.02 13.64 -39.54
C LEU D 39 -5.08 14.16 -40.60
N ASP D 40 -3.81 13.87 -40.40
CA ASP D 40 -2.88 14.26 -41.43
C ASP D 40 -3.07 13.40 -42.65
N ARG D 41 -2.76 14.00 -43.80
CA ARG D 41 -2.82 13.26 -45.06
C ARG D 41 -1.99 11.98 -45.01
N THR D 42 -0.88 11.94 -44.27
CA THR D 42 -0.20 10.66 -44.07
C THR D 42 -1.12 9.65 -43.37
N PHE D 43 -1.68 10.02 -42.21
CA PHE D 43 -2.51 9.05 -41.48
C PHE D 43 -3.71 8.67 -42.29
N VAL D 44 -4.21 9.60 -43.09
CA VAL D 44 -5.37 9.41 -43.97
C VAL D 44 -5.41 8.00 -44.53
N GLU D 45 -4.48 7.64 -45.40
CA GLU D 45 -4.58 6.36 -46.12
C GLU D 45 -4.34 5.14 -45.21
N GLU D 46 -3.44 5.27 -44.22
CA GLU D 46 -2.95 4.09 -43.50
C GLU D 46 -3.99 3.45 -42.58
N ILE D 47 -4.68 4.25 -41.76
CA ILE D 47 -5.49 3.65 -40.70
C ILE D 47 -6.62 2.81 -41.24
N GLY D 48 -6.82 2.80 -42.57
CA GLY D 48 -7.96 2.17 -43.22
C GLY D 48 -8.08 0.70 -42.89
N GLU D 49 -7.51 -0.21 -43.72
CA GLU D 49 -7.68 -1.64 -43.43
C GLU D 49 -7.52 -2.01 -41.95
N PRO D 50 -6.61 -1.42 -41.17
CA PRO D 50 -6.62 -1.76 -39.74
C PRO D 50 -8.02 -1.61 -39.17
N LEU D 51 -8.63 -0.44 -39.33
CA LEU D 51 -10.01 -0.29 -38.89
C LEU D 51 -10.87 -1.35 -39.55
N LEU D 52 -10.57 -1.67 -40.81
CA LEU D 52 -11.41 -2.61 -41.54
C LEU D 52 -11.36 -3.99 -40.91
N HIS D 53 -10.22 -4.40 -40.38
CA HIS D 53 -10.21 -5.64 -39.64
C HIS D 53 -11.11 -5.50 -38.43
N LEU D 54 -10.94 -4.41 -37.69
CA LEU D 54 -11.78 -4.15 -36.51
C LEU D 54 -13.25 -4.19 -36.86
N LEU D 55 -13.62 -3.67 -38.04
CA LEU D 55 -15.00 -3.80 -38.52
C LEU D 55 -15.35 -5.25 -38.80
N ARG D 56 -14.47 -5.95 -39.50
CA ARG D 56 -14.74 -7.32 -39.89
C ARG D 56 -14.94 -8.19 -38.67
N ASN D 57 -14.02 -8.05 -37.71
CA ASN D 57 -13.98 -8.92 -36.54
C ASN D 57 -15.32 -8.91 -35.79
N ALA D 58 -15.88 -7.73 -35.54
CA ALA D 58 -17.17 -7.66 -34.85
C ALA D 58 -18.21 -8.47 -35.58
N ILE D 59 -18.32 -8.23 -36.88
CA ILE D 59 -19.26 -9.00 -37.70
C ILE D 59 -18.96 -10.47 -37.60
N ASP D 60 -17.69 -10.83 -37.79
CA ASP D 60 -17.37 -12.21 -38.07
C ASP D 60 -17.77 -13.06 -36.89
N HIS D 61 -17.18 -12.80 -35.74
CA HIS D 61 -17.46 -13.56 -34.54
C HIS D 61 -18.14 -12.76 -33.45
N GLY D 62 -17.91 -11.45 -33.39
CA GLY D 62 -18.49 -10.65 -32.34
C GLY D 62 -20.00 -10.60 -32.44
N ILE D 63 -20.53 -10.37 -33.63
CA ILE D 63 -21.96 -10.15 -33.79
C ILE D 63 -22.67 -11.50 -33.72
N GLU D 64 -23.69 -11.59 -32.86
CA GLU D 64 -24.49 -12.81 -32.69
C GLU D 64 -25.36 -13.07 -33.90
N PRO D 65 -25.91 -14.28 -34.00
CA PRO D 65 -27.08 -14.46 -34.85
C PRO D 65 -28.29 -13.80 -34.21
N LYS D 66 -29.27 -13.48 -35.06
CA LYS D 66 -30.44 -12.74 -34.60
C LYS D 66 -31.15 -13.47 -33.48
N GLU D 67 -31.37 -14.77 -33.66
CA GLU D 67 -32.03 -15.53 -32.62
C GLU D 67 -31.21 -15.54 -31.33
N GLU D 68 -29.88 -15.43 -31.43
CA GLU D 68 -29.07 -15.43 -30.22
C GLU D 68 -29.25 -14.14 -29.41
N ARG D 69 -29.19 -12.97 -30.06
CA ARG D 69 -29.30 -11.74 -29.29
C ARG D 69 -30.69 -11.63 -28.69
N ILE D 70 -31.70 -11.93 -29.50
CA ILE D 70 -33.04 -11.91 -28.94
C ILE D 70 -33.17 -13.00 -27.89
N ALA D 71 -32.43 -14.10 -28.06
CA ALA D 71 -32.48 -15.11 -27.03
C ALA D 71 -32.09 -14.46 -25.73
N LYS D 72 -31.14 -13.53 -25.79
CA LYS D 72 -30.77 -12.73 -24.63
C LYS D 72 -31.53 -11.41 -24.55
N GLY D 73 -32.44 -11.15 -25.47
CA GLY D 73 -33.13 -9.88 -25.44
C GLY D 73 -32.37 -8.75 -26.05
N LYS D 74 -31.20 -9.02 -26.62
CA LYS D 74 -30.53 -7.96 -27.33
C LYS D 74 -31.23 -7.78 -28.67
N PRO D 75 -31.35 -6.55 -29.15
CA PRO D 75 -32.03 -6.32 -30.41
C PRO D 75 -31.47 -7.17 -31.51
N PRO D 76 -32.30 -7.52 -32.53
CA PRO D 76 -31.86 -8.47 -33.56
C PRO D 76 -30.79 -7.94 -34.48
N ILE D 77 -30.75 -6.64 -34.73
CA ILE D 77 -29.82 -6.06 -35.69
C ILE D 77 -28.56 -5.67 -34.93
N GLY D 78 -27.44 -6.32 -35.23
CA GLY D 78 -26.23 -5.98 -34.52
C GLY D 78 -25.83 -4.57 -34.90
N THR D 79 -25.29 -3.85 -33.94
CA THR D 79 -24.96 -2.46 -34.17
C THR D 79 -23.49 -2.25 -33.94
N LEU D 80 -22.83 -1.68 -34.93
CA LEU D 80 -21.40 -1.46 -34.91
C LEU D 80 -21.15 0.00 -35.23
N ILE D 81 -20.32 0.64 -34.44
CA ILE D 81 -20.13 2.06 -34.51
C ILE D 81 -18.67 2.33 -34.76
N LEU D 82 -18.38 3.11 -35.78
CA LEU D 82 -17.05 3.59 -36.05
C LEU D 82 -17.06 5.10 -35.88
N SER D 83 -16.32 5.63 -34.89
CA SER D 83 -16.40 7.05 -34.56
C SER D 83 -15.04 7.70 -34.48
N ALA D 84 -14.97 8.97 -34.89
CA ALA D 84 -13.77 9.77 -34.72
C ALA D 84 -14.10 11.08 -34.03
N ARG D 85 -13.55 11.28 -32.87
CA ARG D 85 -13.83 12.50 -32.14
C ARG D 85 -12.51 13.16 -31.81
N HIS D 86 -12.50 14.49 -31.84
CA HIS D 86 -11.29 15.30 -31.66
C HIS D 86 -11.14 15.73 -30.19
N GLU D 87 -10.39 14.98 -29.40
CA GLU D 87 -10.16 15.31 -27.99
C GLU D 87 -8.78 15.93 -27.82
N GLY D 88 -8.73 17.25 -27.57
CA GLY D 88 -7.48 17.92 -27.28
C GLY D 88 -6.53 18.04 -28.46
N ASN D 89 -5.41 17.31 -28.40
CA ASN D 89 -4.42 17.25 -29.47
C ASN D 89 -4.21 15.82 -30.00
N ASN D 90 -5.21 14.95 -29.90
CA ASN D 90 -5.15 13.60 -30.42
C ASN D 90 -6.41 13.28 -31.25
N VAL D 91 -6.25 12.32 -32.16
CA VAL D 91 -7.32 11.84 -33.02
C VAL D 91 -7.86 10.56 -32.39
N VAL D 92 -9.16 10.52 -32.13
CA VAL D 92 -9.73 9.39 -31.42
C VAL D 92 -10.59 8.65 -32.41
N ILE D 93 -10.21 7.43 -32.69
CA ILE D 93 -10.94 6.55 -33.56
C ILE D 93 -11.36 5.37 -32.70
N GLU D 94 -12.59 4.92 -32.86
CA GLU D 94 -13.10 3.86 -31.99
C GLU D 94 -13.95 2.91 -32.81
N VAL D 95 -13.92 1.64 -32.41
CA VAL D 95 -14.81 0.61 -32.98
C VAL D 95 -15.55 0.03 -31.81
N GLU D 96 -16.86 0.09 -31.84
CA GLU D 96 -17.61 -0.36 -30.69
C GLU D 96 -18.71 -1.28 -31.18
N ASP D 97 -19.05 -2.29 -30.39
CA ASP D 97 -20.07 -3.26 -30.78
C ASP D 97 -20.89 -3.67 -29.55
N ASP D 98 -22.13 -4.10 -29.79
CA ASP D 98 -22.96 -4.76 -28.78
C ASP D 98 -22.98 -6.24 -29.11
N GLY D 99 -22.06 -6.99 -28.54
CA GLY D 99 -21.86 -8.37 -28.95
C GLY D 99 -21.49 -9.40 -27.89
N ARG D 100 -21.09 -10.59 -28.36
CA ARG D 100 -20.71 -11.69 -27.47
C ARG D 100 -19.52 -11.30 -26.60
N GLY D 101 -18.54 -10.64 -27.18
CA GLY D 101 -17.52 -10.24 -26.25
C GLY D 101 -16.38 -11.22 -26.18
N ILE D 102 -15.21 -10.70 -25.85
CA ILE D 102 -14.00 -11.50 -25.70
C ILE D 102 -13.98 -12.06 -24.29
N ASP D 103 -13.76 -13.37 -24.17
CA ASP D 103 -13.65 -14.01 -22.86
C ASP D 103 -12.27 -13.78 -22.30
N LYS D 104 -12.20 -13.10 -21.16
CA LYS D 104 -10.92 -12.68 -20.60
C LYS D 104 -10.08 -13.85 -20.09
N GLU D 105 -10.68 -14.82 -19.39
CA GLU D 105 -9.80 -15.91 -18.97
C GLU D 105 -9.63 -16.92 -20.09
N LYS D 106 -10.57 -17.00 -21.05
CA LYS D 106 -10.28 -17.82 -22.22
C LYS D 106 -9.03 -17.32 -22.91
N ILE D 107 -8.78 -16.01 -22.85
CA ILE D 107 -7.46 -15.53 -23.22
C ILE D 107 -6.43 -16.19 -22.34
N ILE D 108 -6.69 -16.24 -21.03
CA ILE D 108 -5.70 -16.82 -20.14
C ILE D 108 -5.63 -18.33 -20.32
N ARG D 109 -6.75 -19.01 -20.52
CA ARG D 109 -6.68 -20.46 -20.61
C ARG D 109 -5.98 -20.92 -21.88
N LYS D 110 -5.91 -20.07 -22.89
CA LYS D 110 -5.13 -20.42 -24.08
C LYS D 110 -3.71 -19.92 -23.94
N ALA D 111 -3.57 -18.71 -23.40
CA ALA D 111 -2.27 -18.17 -23.04
C ALA D 111 -1.65 -18.91 -21.85
N ILE D 112 -2.46 -19.51 -20.97
CA ILE D 112 -1.90 -20.28 -19.85
C ILE D 112 -1.05 -21.42 -20.39
N GLU D 113 -1.56 -22.12 -21.41
CA GLU D 113 -0.74 -23.13 -22.07
C GLU D 113 0.58 -22.54 -22.51
N LYS D 114 0.56 -21.28 -22.97
CA LYS D 114 1.79 -20.65 -23.40
C LYS D 114 2.58 -19.99 -22.27
N GLY D 115 1.95 -19.64 -21.13
CA GLY D 115 2.72 -19.11 -20.02
C GLY D 115 3.19 -17.68 -20.17
N LEU D 116 2.55 -16.87 -21.02
CA LEU D 116 3.03 -15.50 -21.27
C LEU D 116 3.02 -14.67 -20.00
N ILE D 117 2.14 -14.96 -19.08
CA ILE D 117 2.14 -14.28 -17.80
C ILE D 117 2.11 -15.38 -16.75
N ASP D 118 2.68 -15.10 -15.59
CA ASP D 118 2.79 -16.13 -14.58
C ASP D 118 1.42 -16.45 -14.00
N GLU D 119 1.21 -17.72 -13.70
CA GLU D 119 -0.08 -18.18 -13.19
C GLU D 119 -0.29 -17.78 -11.73
N SER D 120 0.78 -17.76 -10.94
CA SER D 120 0.68 -17.46 -9.51
C SER D 120 0.36 -15.99 -9.24
N LYS D 121 0.97 -15.08 -10.01
CA LYS D 121 0.76 -13.65 -9.89
C LYS D 121 -0.43 -13.16 -10.71
N ALA D 122 -1.24 -14.07 -11.27
CA ALA D 122 -2.36 -13.67 -12.10
C ALA D 122 -3.26 -12.65 -11.41
N ALA D 123 -3.37 -12.70 -10.10
CA ALA D 123 -4.22 -11.75 -9.40
C ALA D 123 -3.77 -10.31 -9.61
N THR D 124 -2.48 -10.06 -9.77
CA THR D 124 -2.01 -8.70 -10.05
C THR D 124 -2.54 -8.20 -11.38
N LEU D 125 -2.89 -9.12 -12.28
CA LEU D 125 -3.30 -8.71 -13.61
C LEU D 125 -4.54 -7.84 -13.56
N SER D 126 -4.56 -6.83 -14.41
CA SER D 126 -5.73 -6.00 -14.59
C SER D 126 -6.40 -6.38 -15.89
N ASP D 127 -7.72 -6.18 -15.91
CA ASP D 127 -8.51 -6.45 -17.10
C ASP D 127 -7.92 -5.77 -18.31
N GLN D 128 -7.63 -4.49 -18.14
CA GLN D 128 -7.11 -3.64 -19.18
C GLN D 128 -5.82 -4.19 -19.78
N GLU D 129 -4.92 -4.72 -18.96
CA GLU D 129 -3.73 -5.37 -19.51
C GLU D 129 -4.07 -6.73 -20.08
N ILE D 130 -4.98 -7.46 -19.41
CA ILE D 130 -5.34 -8.78 -19.88
C ILE D 130 -5.85 -8.72 -21.30
N LEU D 131 -6.71 -7.75 -21.59
CA LEU D 131 -7.18 -7.63 -22.96
C LEU D 131 -6.15 -6.92 -23.80
N ASN D 132 -5.35 -6.05 -23.17
CA ASN D 132 -4.20 -5.50 -23.85
C ASN D 132 -3.26 -6.62 -24.22
N PHE D 133 -3.41 -7.77 -23.56
CA PHE D 133 -2.61 -8.91 -23.94
C PHE D 133 -2.99 -9.45 -25.31
N LEU D 134 -4.04 -8.91 -25.97
CA LEU D 134 -4.42 -9.41 -27.29
C LEU D 134 -3.54 -8.85 -28.40
N PHE D 135 -2.92 -7.69 -28.18
CA PHE D 135 -2.04 -7.08 -29.17
C PHE D 135 -0.57 -7.17 -28.73
N VAL D 148 -3.76 -23.70 -45.94
CA VAL D 148 -2.70 -22.84 -46.45
C VAL D 148 -2.32 -21.77 -45.44
N SER D 149 -3.22 -20.83 -45.21
CA SER D 149 -3.07 -19.81 -44.19
C SER D 149 -1.84 -18.93 -44.42
N GLY D 150 -1.45 -18.75 -45.68
CA GLY D 150 -0.21 -18.04 -45.95
C GLY D 150 -0.17 -16.64 -45.36
N ARG D 151 -1.28 -15.90 -45.48
CA ARG D 151 -1.43 -14.58 -44.91
C ARG D 151 -2.46 -14.59 -43.79
N GLY D 152 -2.12 -13.94 -42.68
CA GLY D 152 -3.06 -13.77 -41.60
C GLY D 152 -3.15 -12.30 -41.33
N VAL D 153 -4.32 -11.70 -41.55
CA VAL D 153 -4.43 -10.28 -41.29
C VAL D 153 -4.42 -10.15 -39.77
N GLY D 154 -3.33 -9.59 -39.25
CA GLY D 154 -3.00 -9.76 -37.85
C GLY D 154 -3.41 -8.68 -36.88
N MET D 155 -3.59 -9.12 -35.64
CA MET D 155 -3.63 -8.20 -34.52
C MET D 155 -2.33 -7.46 -34.45
N ASP D 156 -1.26 -8.11 -34.92
CA ASP D 156 -0.01 -7.40 -35.14
C ASP D 156 -0.13 -6.53 -36.37
N VAL D 157 -0.77 -7.03 -37.44
CA VAL D 157 -0.92 -6.14 -38.59
C VAL D 157 -1.75 -4.95 -38.16
N VAL D 158 -2.78 -5.18 -37.35
CA VAL D 158 -3.49 -4.09 -36.68
C VAL D 158 -2.54 -3.39 -35.71
N LYS D 159 -1.87 -4.17 -34.84
CA LYS D 159 -0.83 -3.57 -34.01
C LYS D 159 0.24 -2.90 -34.85
N ASN D 160 0.46 -3.37 -36.08
CA ASN D 160 1.63 -2.91 -36.81
C ASN D 160 1.43 -1.53 -37.36
N VAL D 161 0.38 -1.35 -38.14
CA VAL D 161 0.12 -0.01 -38.64
C VAL D 161 0.04 0.99 -37.49
N VAL D 162 -0.63 0.63 -36.41
CA VAL D 162 -0.87 1.58 -35.33
C VAL D 162 0.44 1.93 -34.61
N GLU D 163 1.23 0.92 -34.25
CA GLU D 163 2.48 1.20 -33.56
C GLU D 163 3.44 1.97 -34.43
N SER D 164 3.31 1.78 -35.75
CA SER D 164 4.15 2.49 -36.71
C SER D 164 4.03 3.98 -36.51
N LEU D 165 2.80 4.45 -36.33
CA LEU D 165 2.49 5.87 -36.18
C LEU D 165 2.38 6.30 -34.74
N ASN D 166 2.84 5.44 -33.82
CA ASN D 166 2.94 5.74 -32.41
C ASN D 166 1.59 6.07 -31.78
N GLY D 167 0.58 5.28 -32.10
CA GLY D 167 -0.74 5.46 -31.56
C GLY D 167 -1.09 4.22 -30.74
N SER D 168 -1.91 4.40 -29.70
CA SER D 168 -2.14 3.33 -28.74
C SER D 168 -3.50 2.72 -28.97
N ILE D 169 -3.52 1.52 -29.51
CA ILE D 169 -4.77 0.87 -29.62
C ILE D 169 -5.19 0.46 -28.23
N SER D 170 -6.49 0.26 -28.04
CA SER D 170 -6.95 -0.15 -26.72
C SER D 170 -8.13 -1.08 -26.87
N ILE D 171 -8.33 -1.90 -25.84
CA ILE D 171 -9.44 -2.87 -25.78
C ILE D 171 -10.16 -2.77 -24.44
N GLU D 172 -11.48 -2.68 -24.50
CA GLU D 172 -12.33 -2.76 -23.33
C GLU D 172 -13.44 -3.77 -23.61
N SER D 173 -13.65 -4.72 -22.70
CA SER D 173 -14.68 -5.71 -22.95
C SER D 173 -15.27 -6.24 -21.65
N GLU D 174 -16.49 -6.76 -21.78
CA GLU D 174 -17.29 -7.41 -20.75
C GLU D 174 -18.12 -8.49 -21.43
N LYS D 175 -18.36 -9.59 -20.73
CA LYS D 175 -19.15 -10.70 -21.29
C LYS D 175 -20.49 -10.28 -21.89
N ASP D 176 -20.70 -10.63 -23.17
CA ASP D 176 -21.98 -10.64 -23.89
C ASP D 176 -22.62 -9.26 -24.03
N LYS D 177 -21.91 -8.18 -23.69
CA LYS D 177 -22.39 -6.82 -23.87
C LYS D 177 -21.69 -6.07 -25.00
N GLY D 178 -20.61 -6.62 -25.56
CA GLY D 178 -19.88 -5.97 -26.63
C GLY D 178 -18.42 -5.70 -26.27
N THR D 179 -17.69 -5.24 -27.30
CA THR D 179 -16.28 -4.94 -27.20
C THR D 179 -16.02 -3.55 -27.77
N LYS D 180 -15.01 -2.88 -27.25
CA LYS D 180 -14.69 -1.60 -27.86
C LYS D 180 -13.19 -1.52 -28.02
N VAL D 181 -12.78 -1.18 -29.23
CA VAL D 181 -11.38 -1.04 -29.64
C VAL D 181 -11.12 0.43 -29.92
N THR D 182 -10.01 0.94 -29.42
CA THR D 182 -9.74 2.37 -29.52
C THR D 182 -8.35 2.63 -30.08
N ILE D 183 -8.26 3.60 -30.98
CA ILE D 183 -7.01 3.96 -31.64
C ILE D 183 -6.80 5.45 -31.44
N ARG D 184 -5.88 5.82 -30.57
CA ARG D 184 -5.57 7.22 -30.32
C ARG D 184 -4.42 7.64 -31.22
N LEU D 185 -4.57 8.73 -31.97
CA LEU D 185 -3.49 9.13 -32.84
C LEU D 185 -3.16 10.59 -32.54
N PRO D 186 -1.90 10.98 -32.60
CA PRO D 186 -1.51 12.30 -32.12
C PRO D 186 -1.80 13.40 -33.14
N LEU D 187 -1.82 14.63 -32.63
CA LEU D 187 -2.05 15.86 -33.41
C LEU D 187 -3.26 15.73 -34.36
S SO4 E . 9.95 -5.93 26.05
O1 SO4 E . 10.03 -7.38 25.98
O2 SO4 E . 8.64 -5.53 25.61
O3 SO4 E . 10.20 -5.50 27.42
O4 SO4 E . 10.98 -5.32 25.22
C1' JSJ F . 28.26 2.98 18.61
C10 JSJ F . 36.38 5.51 18.25
C11 JSJ F . 36.65 4.15 17.65
C12 JSJ F . 37.64 3.52 18.30
C13 JSJ F . 37.92 2.51 17.76
C14 JSJ F . 38.20 4.37 19.42
C15 JSJ F . 38.04 3.71 20.78
C16 JSJ F . 39.67 4.72 19.15
C17 JSJ F . 36.61 6.59 17.21
C18 JSJ F . 34.96 5.56 18.82
C2 JSJ F . 26.55 4.69 22.33
C2' JSJ F . 29.29 4.00 19.03
C3' JSJ F . 30.45 3.76 18.12
C4 JSJ F . 27.34 3.02 20.90
C4' JSJ F . 30.30 2.31 17.66
C5 JSJ F . 27.07 2.02 21.93
C5' JSJ F . 31.13 1.33 18.48
C6 JSJ F . 26.50 2.52 23.20
C8 JSJ F . 27.91 1.05 20.15
N1 JSJ F . 26.27 3.84 23.31
N10 JSJ F . 37.36 5.58 19.35
N3 JSJ F . 27.06 4.31 21.16
N6 JSJ F . 26.20 1.71 24.24
N7 JSJ F . 27.44 0.83 21.40
N9 JSJ F . 27.83 2.35 19.87
O1A JSJ F . 32.08 -2.26 17.38
O1B JSJ F . 34.79 0.11 19.83
O2' JSJ F . 28.76 5.31 18.80
O2A JSJ F . 32.34 -1.17 19.72
O2B JSJ F . 34.75 -2.29 19.07
O3' JSJ F . 30.32 4.65 17.02
O3A JSJ F . 33.77 -0.53 17.76
O4' JSJ F . 28.93 1.99 17.83
O5' JSJ F . 31.32 0.11 17.75
O6 JSJ F . 37.50 6.74 20.24
PA JSJ F . 32.34 -1.06 18.22
PB JSJ F . 35.02 -0.86 18.70
S1 JSJ F . 36.55 -0.61 17.65
S2 JSJ F . 36.69 1.42 17.33
S SO4 G . 16.87 8.75 17.14
O1 SO4 G . 16.29 9.90 17.82
O2 SO4 G . 15.90 7.67 17.18
O3 SO4 G . 17.19 9.08 15.75
O4 SO4 G . 18.11 8.32 17.78
C1' JSJ H . -1.72 -3.16 18.64
C10 JSJ H . -10.09 -4.79 21.42
C11 JSJ H . -8.94 -4.41 20.51
C12 JSJ H . -9.35 -4.11 19.27
C13 JSJ H . -8.40 -3.91 18.59
C14 JSJ H . -10.85 -4.26 19.13
C15 JSJ H . -11.47 -2.88 18.96
C16 JSJ H . -11.26 -5.20 18.01
C17 JSJ H . -9.90 -6.06 22.24
C18 JSJ H . -10.32 -3.65 22.39
C2 JSJ H . -0.82 0.02 21.71
C2' JSJ H . -2.27 -3.50 20.01
C3' JSJ H . -3.75 -3.43 19.85
C4 JSJ H . -1.04 -0.93 19.57
C4' JSJ H . -3.97 -3.73 18.39
C5 JSJ H . -0.58 0.33 19.00
C5' JSJ H . -5.09 -2.86 17.87
C6 JSJ H . -0.26 1.42 19.92
C8 JSJ H . -0.98 -1.10 17.43
N1 JSJ H . -0.41 1.20 21.24
N10 JSJ H . -11.23 -4.75 20.49
N3 JSJ H . -1.12 -1.01 20.91
N6 JSJ H . 0.15 2.62 19.48
N7 JSJ H . -0.56 0.16 17.67
N9 JSJ H . -1.26 -1.75 18.56
O1A JSJ H . -3.34 -2.32 15.07
O1B JSJ H . -7.31 -3.89 14.18
O2' JSJ H . -1.96 -4.85 20.38
O2A JSJ H . -5.05 -0.59 16.05
O2B JSJ H . -7.80 -1.64 13.14
O3' JSJ H . -4.33 -4.47 20.64
O3A JSJ H . -5.67 -2.11 14.20
O4' JSJ H . -2.79 -3.36 17.71
O5' JSJ H . -5.22 -3.06 16.48
O6 JSJ H . -12.60 -5.04 20.90
PA JSJ H . -4.73 -1.93 15.47
PB JSJ H . -7.25 -2.39 14.33
S1 JSJ H . -7.76 -1.73 16.01
S2 JSJ H . -8.52 -3.39 16.96
S SO4 I . -15.68 -8.50 -17.75
O1 SO4 I . -16.95 -8.50 -17.06
O2 SO4 I . -15.73 -9.33 -18.94
O3 SO4 I . -14.69 -9.05 -16.83
O4 SO4 I . -15.32 -7.14 -18.13
PB ADP J . -13.56 12.26 -3.18
O1B ADP J . -15.02 12.29 -3.54
O2B ADP J . -13.08 11.06 -2.39
O3B ADP J . -12.97 13.55 -2.66
PA ADP J . -12.60 10.57 -5.19
O1A ADP J . -13.84 9.77 -4.93
O2A ADP J . -11.23 10.09 -4.87
O3A ADP J . -12.86 12.05 -4.60
O5' ADP J . -12.57 11.02 -6.70
C5' ADP J . -13.06 12.33 -6.87
C4' ADP J . -12.97 12.54 -8.33
O4' ADP J . -12.90 11.24 -8.90
C3' ADP J . -14.27 13.20 -8.69
O3' ADP J . -14.07 14.58 -9.03
C2' ADP J . -14.82 12.31 -9.80
O2' ADP J . -14.77 12.95 -11.07
C1' ADP J . -13.94 11.07 -9.86
N9 ADP J . -14.72 9.82 -9.60
C8 ADP J . -14.18 8.66 -9.21
N7 ADP J . -15.12 7.70 -9.08
C5 ADP J . -16.33 8.24 -9.39
C6 ADP J . -17.74 7.77 -9.50
N6 ADP J . -18.12 6.50 -9.21
N1 ADP J . -18.69 8.65 -9.90
C2 ADP J . -18.38 9.92 -10.21
N3 ADP J . -17.12 10.39 -10.15
C4 ADP J . -16.05 9.64 -9.76
S SO4 K . -14.73 8.19 -23.31
O1 SO4 K . -15.79 8.22 -24.28
O2 SO4 K . -14.95 9.27 -22.38
O3 SO4 K . -13.47 8.40 -24.00
O4 SO4 K . -14.73 6.92 -22.60
PB ADP L . -10.30 -12.87 -37.14
O1B ADP L . -11.15 -11.83 -37.82
O2B ADP L . -10.80 -14.29 -37.20
O3B ADP L . -8.83 -12.78 -37.50
PA ADP L . -9.11 -13.00 -34.83
O1A ADP L . -8.76 -14.40 -35.24
O2A ADP L . -8.23 -11.84 -35.19
O3A ADP L . -10.46 -12.63 -35.58
O5' ADP L . -9.41 -13.06 -33.25
C5' ADP L . -8.76 -14.09 -32.50
C4' ADP L . -9.54 -14.39 -31.25
O4' ADP L . -9.65 -13.20 -30.46
C3' ADP L . -10.88 -14.78 -31.79
O3' ADP L . -11.21 -16.13 -31.41
C2' ADP L . -11.84 -13.76 -31.26
O2' ADP L . -12.87 -14.44 -30.56
C1' ADP L . -11.04 -12.87 -30.31
N9 ADP L . -11.31 -11.40 -30.51
C8 ADP L . -10.37 -10.44 -30.41
N7 ADP L . -10.91 -9.21 -30.61
C5 ADP L . -12.25 -9.34 -30.86
C6 ADP L . -13.43 -8.47 -31.16
N6 ADP L . -13.38 -7.13 -31.26
N1 ADP L . -14.65 -9.03 -31.34
C2 ADP L . -14.82 -10.35 -31.27
N3 ADP L . -13.80 -11.20 -31.00
C4 ADP L . -12.50 -10.79 -30.80
#